data_7QK7
#
_entry.id   7QK7
#
_cell.length_a   82.960
_cell.length_b   90.133
_cell.length_c   159.193
_cell.angle_alpha   90.00
_cell.angle_beta   90.00
_cell.angle_gamma   90.00
#
_symmetry.space_group_name_H-M   'P 21 2 21'
#
loop_
_entity.id
_entity.type
_entity.pdbx_description
1 polymer 'Aldehyde dehydrogenase family 1 member A3'
2 non-polymer DI(HYDROXYETHYL)ETHER
3 non-polymer GLYCEROL
4 water water
#
_entity_poly.entity_id   1
_entity_poly.type   'polypeptide(L)'
_entity_poly.pdbx_seq_one_letter_code
;HHHHHHLESTSLYKKAGMATANGAVENGQPDRKPPALPRPIRNLEVKFTKIFINNEWHESKSGKKFATCNPSTREQICEV
EEGDKPDVDKAVEAAQVAFQRGSPWRRLDALSRGRLLHQLADLVERDRATLAALETMDTGKPFLHAFFIDLEGCIRTLRY
FAGWADKIQGKTIPTDDNVVCFTRHEPIGVCGAITPWNFPLLMLVWKLAPALCCGNTMVLKPAEQTPLTALYLGSLIKEA
GFPPGVVNIVPGFGPTVGAAISSHPQINKIAFTGSTEVGKLVKEAASRSNLKRVTLELGGKNPCIVCADADLDLAVECAH
QGVFFNQGQCCTAASRVFVEEQVYSEFVRRSVEYAKKRPVGDPFDVKTEQGPQIDQKQFDKILELIESGKKEGAKLECGG
SAMEDKGLFIKPTVFSEVTDNMRIAKEEIFGPVQPILKFKSIEEVIKRANSTDYGLTAAVFTKNLDKALKLASALESGTV
WINCYNALYAQAPFGGFKMSGNGRELGEYALAEYTEVKTVTIKLGDKNP
;
_entity_poly.pdbx_strand_id   A,B
#
# COMPACT_ATOMS: atom_id res chain seq x y z
N LEU A 37 21.59 -28.84 23.31
CA LEU A 37 20.79 -29.34 22.21
C LEU A 37 19.65 -30.22 22.73
N PRO A 38 18.41 -30.01 22.27
CA PRO A 38 17.30 -30.88 22.73
C PRO A 38 17.32 -32.24 22.05
N ARG A 39 16.64 -33.24 22.64
CA ARG A 39 16.57 -34.58 22.07
C ARG A 39 15.60 -34.59 20.88
N PRO A 40 16.05 -35.06 19.70
CA PRO A 40 15.17 -35.05 18.52
C PRO A 40 14.00 -36.02 18.65
N ILE A 41 12.75 -35.51 18.59
CA ILE A 41 11.57 -36.38 18.69
C ILE A 41 11.33 -37.07 17.35
N ARG A 42 12.04 -38.20 17.13
CA ARG A 42 12.02 -39.01 15.91
C ARG A 42 10.61 -39.46 15.51
N ASN A 43 9.80 -39.91 16.47
CA ASN A 43 8.44 -40.33 16.18
C ASN A 43 7.45 -39.57 17.03
N LEU A 44 6.71 -38.64 16.39
CA LEU A 44 5.72 -37.80 17.05
C LEU A 44 4.35 -38.07 16.45
N GLU A 45 3.31 -38.20 17.29
CA GLU A 45 1.95 -38.42 16.81
C GLU A 45 1.27 -37.05 16.59
N VAL A 46 0.76 -36.80 15.37
CA VAL A 46 0.09 -35.53 15.09
C VAL A 46 -1.30 -35.55 15.70
N LYS A 47 -1.66 -34.45 16.39
CA LYS A 47 -2.94 -34.35 17.05
C LYS A 47 -3.89 -33.39 16.33
N PHE A 48 -3.34 -32.34 15.69
CA PHE A 48 -4.15 -31.30 15.07
C PHE A 48 -4.11 -31.32 13.53
N THR A 49 -5.26 -31.66 12.90
CA THR A 49 -5.43 -31.80 11.44
C THR A 49 -6.78 -31.23 10.94
N LYS A 50 -7.46 -30.42 11.73
CA LYS A 50 -8.76 -29.87 11.36
C LYS A 50 -8.75 -28.35 11.10
N ILE A 51 -9.88 -27.79 10.62
CA ILE A 51 -10.09 -26.38 10.39
C ILE A 51 -10.37 -25.73 11.75
N PHE A 52 -9.67 -24.65 12.06
CA PHE A 52 -9.80 -23.99 13.35
C PHE A 52 -10.68 -22.73 13.22
N ILE A 53 -11.90 -22.72 13.75
CA ILE A 53 -12.79 -21.56 13.67
C ILE A 53 -13.48 -21.36 15.01
N ASN A 54 -13.50 -20.11 15.53
CA ASN A 54 -14.15 -19.78 16.81
C ASN A 54 -13.63 -20.67 17.95
N ASN A 55 -12.32 -20.98 17.93
CA ASN A 55 -11.65 -21.81 18.92
C ASN A 55 -12.17 -23.26 18.97
N GLU A 56 -12.76 -23.75 17.89
CA GLU A 56 -13.29 -25.09 17.79
C GLU A 56 -12.67 -25.78 16.60
N TRP A 57 -12.53 -27.10 16.67
CA TRP A 57 -12.00 -27.88 15.54
C TRP A 57 -13.14 -28.41 14.68
N HIS A 58 -13.08 -28.18 13.35
CA HIS A 58 -14.17 -28.57 12.46
C HIS A 58 -13.68 -29.40 11.31
N GLU A 59 -14.53 -30.31 10.85
CA GLU A 59 -14.25 -31.06 9.63
C GLU A 59 -14.57 -30.10 8.48
N SER A 60 -14.00 -30.33 7.28
CA SER A 60 -14.34 -29.51 6.12
C SER A 60 -15.81 -29.69 5.76
N LYS A 61 -16.44 -28.65 5.18
CA LYS A 61 -17.85 -28.74 4.82
C LYS A 61 -18.12 -29.86 3.81
N SER A 62 -17.19 -30.07 2.88
CA SER A 62 -17.34 -31.09 1.86
C SER A 62 -17.02 -32.50 2.33
N GLY A 63 -16.21 -32.63 3.38
CA GLY A 63 -15.73 -33.91 3.87
C GLY A 63 -14.34 -34.26 3.33
N LYS A 64 -13.91 -33.58 2.26
CA LYS A 64 -12.62 -33.78 1.62
C LYS A 64 -11.43 -33.56 2.54
N LYS A 65 -10.37 -34.27 2.25
CA LYS A 65 -9.10 -34.22 2.97
C LYS A 65 -7.96 -34.28 1.97
N PHE A 66 -6.77 -33.85 2.39
CA PHE A 66 -5.58 -33.92 1.55
C PHE A 66 -4.45 -34.48 2.41
N ALA A 67 -3.51 -35.16 1.77
CA ALA A 67 -2.40 -35.76 2.49
C ALA A 67 -1.23 -34.82 2.64
N THR A 68 -0.50 -34.95 3.75
CA THR A 68 0.73 -34.20 3.95
C THR A 68 1.85 -35.24 4.08
N CYS A 69 2.91 -35.10 3.30
CA CYS A 69 3.99 -36.09 3.29
C CYS A 69 5.32 -35.57 3.86
N ASN A 70 6.18 -36.48 4.33
CA ASN A 70 7.51 -36.18 4.86
C ASN A 70 8.48 -36.23 3.69
N PRO A 71 9.20 -35.14 3.33
CA PRO A 71 10.10 -35.21 2.17
C PRO A 71 11.39 -36.01 2.37
N SER A 72 11.63 -36.49 3.59
CA SER A 72 12.82 -37.26 3.92
C SER A 72 12.47 -38.76 3.80
N THR A 73 11.51 -39.24 4.60
CA THR A 73 11.07 -40.62 4.55
C THR A 73 10.19 -40.93 3.32
N ARG A 74 9.72 -39.89 2.59
CA ARG A 74 8.82 -39.95 1.43
C ARG A 74 7.50 -40.67 1.75
N GLU A 75 7.07 -40.64 3.01
CA GLU A 75 5.85 -41.30 3.45
C GLU A 75 4.82 -40.27 3.93
N GLN A 76 3.54 -40.61 3.84
CA GLN A 76 2.48 -39.74 4.28
C GLN A 76 2.50 -39.64 5.82
N ILE A 77 2.44 -38.40 6.34
CA ILE A 77 2.39 -38.13 7.76
C ILE A 77 0.95 -38.30 8.24
N CYS A 78 -0.02 -37.69 7.54
CA CYS A 78 -1.43 -37.71 7.92
C CYS A 78 -2.32 -37.03 6.85
N GLU A 79 -3.63 -36.94 7.11
CA GLU A 79 -4.58 -36.25 6.26
C GLU A 79 -5.13 -35.04 7.04
N VAL A 80 -5.14 -33.88 6.39
CA VAL A 80 -5.66 -32.65 6.96
C VAL A 80 -6.98 -32.33 6.29
N GLU A 81 -7.90 -31.69 7.02
CA GLU A 81 -9.18 -31.28 6.45
C GLU A 81 -8.93 -30.25 5.34
N GLU A 82 -9.59 -30.43 4.21
CA GLU A 82 -9.39 -29.57 3.07
C GLU A 82 -10.53 -28.57 2.97
N GLY A 83 -10.23 -27.30 3.17
CA GLY A 83 -11.25 -26.27 3.07
C GLY A 83 -11.47 -25.76 1.67
N ASP A 84 -12.57 -25.02 1.48
CA ASP A 84 -12.93 -24.36 0.22
C ASP A 84 -13.61 -23.00 0.56
N LYS A 85 -14.19 -22.30 -0.44
CA LYS A 85 -14.89 -21.05 -0.21
C LYS A 85 -15.93 -21.13 0.96
N PRO A 86 -16.80 -22.19 1.09
CA PRO A 86 -17.73 -22.23 2.24
C PRO A 86 -17.07 -22.24 3.61
N ASP A 87 -15.87 -22.84 3.72
CA ASP A 87 -15.14 -22.85 4.97
C ASP A 87 -14.53 -21.48 5.25
N VAL A 88 -14.01 -20.84 4.19
CA VAL A 88 -13.46 -19.47 4.28
C VAL A 88 -14.57 -18.50 4.69
N ASP A 89 -15.76 -18.65 4.12
CA ASP A 89 -16.89 -17.81 4.46
C ASP A 89 -17.28 -17.91 5.93
N LYS A 90 -17.24 -19.12 6.50
CA LYS A 90 -17.54 -19.30 7.92
C LYS A 90 -16.42 -18.69 8.80
N ALA A 91 -15.17 -18.77 8.33
CA ALA A 91 -14.01 -18.21 9.05
C ALA A 91 -14.05 -16.66 9.03
N VAL A 92 -14.40 -16.05 7.88
CA VAL A 92 -14.52 -14.59 7.76
C VAL A 92 -15.67 -14.09 8.62
N GLU A 93 -16.82 -14.80 8.66
CA GLU A 93 -17.92 -14.37 9.53
C GLU A 93 -17.55 -14.48 11.02
N ALA A 94 -16.73 -15.48 11.37
CA ALA A 94 -16.29 -15.63 12.77
C ALA A 94 -15.41 -14.42 13.16
N ALA A 95 -14.48 -14.03 12.25
CA ALA A 95 -13.54 -12.91 12.42
C ALA A 95 -14.29 -11.58 12.44
N GLN A 96 -15.34 -11.42 11.67
CA GLN A 96 -16.15 -10.20 11.69
C GLN A 96 -16.84 -10.01 13.05
N VAL A 97 -17.54 -11.05 13.57
CA VAL A 97 -18.24 -11.01 14.86
C VAL A 97 -17.26 -10.72 16.00
N ALA A 98 -16.05 -11.29 15.94
CA ALA A 98 -15.04 -11.02 16.97
C ALA A 98 -14.55 -9.56 16.91
N PHE A 99 -14.61 -8.93 15.74
CA PHE A 99 -14.16 -7.57 15.53
C PHE A 99 -15.26 -6.53 15.76
N GLN A 100 -16.55 -6.93 15.86
CA GLN A 100 -17.60 -5.95 15.98
C GLN A 100 -17.53 -5.18 17.30
N ARG A 101 -17.93 -3.87 17.27
CA ARG A 101 -17.85 -3.02 18.47
C ARG A 101 -18.58 -3.64 19.64
N GLY A 102 -17.95 -3.58 20.80
CA GLY A 102 -18.51 -4.17 22.01
C GLY A 102 -18.13 -5.63 22.22
N SER A 103 -17.47 -6.26 21.24
CA SER A 103 -17.03 -7.64 21.38
C SER A 103 -15.94 -7.71 22.47
N PRO A 104 -15.75 -8.86 23.13
CA PRO A 104 -14.71 -8.94 24.18
C PRO A 104 -13.33 -8.45 23.72
N TRP A 105 -12.91 -8.78 22.47
CA TRP A 105 -11.62 -8.40 21.86
C TRP A 105 -11.50 -6.88 21.58
N ARG A 106 -12.59 -6.23 21.15
CA ARG A 106 -12.57 -4.78 20.92
C ARG A 106 -12.52 -3.97 22.22
N ARG A 107 -13.20 -4.42 23.28
CA ARG A 107 -13.23 -3.64 24.51
C ARG A 107 -12.01 -3.92 25.44
N LEU A 108 -11.16 -4.89 25.08
CA LEU A 108 -9.95 -5.21 25.81
C LEU A 108 -9.00 -4.00 25.74
N ASP A 109 -8.37 -3.62 26.88
CA ASP A 109 -7.43 -2.49 26.82
C ASP A 109 -6.13 -2.93 26.14
N ALA A 110 -5.39 -1.96 25.60
CA ALA A 110 -4.17 -2.21 24.84
C ALA A 110 -3.18 -3.13 25.53
N LEU A 111 -2.92 -2.94 26.85
CA LEU A 111 -1.95 -3.78 27.57
C LEU A 111 -2.40 -5.25 27.70
N SER A 112 -3.72 -5.50 27.69
CA SER A 112 -4.21 -6.85 27.79
C SER A 112 -3.93 -7.63 26.49
N ARG A 113 -3.97 -6.94 25.32
CA ARG A 113 -3.62 -7.58 24.05
C ARG A 113 -2.15 -7.98 24.06
N GLY A 114 -1.27 -7.11 24.59
CA GLY A 114 0.14 -7.42 24.73
C GLY A 114 0.38 -8.61 25.63
N ARG A 115 -0.34 -8.67 26.76
CA ARG A 115 -0.29 -9.76 27.72
C ARG A 115 -0.63 -11.09 27.04
N LEU A 116 -1.71 -11.11 26.21
CA LEU A 116 -2.13 -12.30 25.46
C LEU A 116 -1.00 -12.79 24.54
N LEU A 117 -0.33 -11.84 23.82
CA LEU A 117 0.77 -12.20 22.92
C LEU A 117 1.98 -12.75 23.66
N HIS A 118 2.23 -12.27 24.89
CA HIS A 118 3.31 -12.78 25.73
C HIS A 118 2.94 -14.19 26.25
N GLN A 119 1.64 -14.39 26.57
CA GLN A 119 1.13 -15.69 26.99
C GLN A 119 1.30 -16.70 25.84
N LEU A 120 1.05 -16.28 24.59
CA LEU A 120 1.27 -17.15 23.43
C LEU A 120 2.74 -17.46 23.23
N ALA A 121 3.65 -16.47 23.34
CA ALA A 121 5.09 -16.73 23.23
C ALA A 121 5.56 -17.75 24.31
N ASP A 122 5.02 -17.67 25.55
CA ASP A 122 5.34 -18.63 26.62
C ASP A 122 4.93 -20.03 26.21
N LEU A 123 3.71 -20.20 25.66
CA LEU A 123 3.21 -21.49 25.19
C LEU A 123 4.03 -22.01 24.01
N VAL A 124 4.49 -21.11 23.13
CA VAL A 124 5.32 -21.53 22.00
C VAL A 124 6.68 -22.02 22.51
N GLU A 125 7.21 -21.40 23.57
CA GLU A 125 8.49 -21.81 24.18
C GLU A 125 8.33 -23.13 24.94
N ARG A 126 7.17 -23.34 25.59
CA ARG A 126 6.90 -24.59 26.30
C ARG A 126 6.88 -25.75 25.30
N ASP A 127 6.12 -25.62 24.20
CA ASP A 127 6.00 -26.67 23.19
C ASP A 127 6.94 -26.50 22.00
N ARG A 128 8.12 -25.93 22.25
CA ARG A 128 9.13 -25.64 21.24
C ARG A 128 9.67 -26.86 20.51
N ALA A 129 9.89 -27.97 21.25
CA ALA A 129 10.41 -29.20 20.66
C ALA A 129 9.35 -29.90 19.80
N THR A 130 8.07 -29.88 20.23
CA THR A 130 6.97 -30.47 19.46
C THR A 130 6.83 -29.70 18.14
N LEU A 131 6.78 -28.35 18.22
CA LEU A 131 6.67 -27.47 17.05
C LEU A 131 7.80 -27.60 16.06
N ALA A 132 9.06 -27.65 16.53
CA ALA A 132 10.23 -27.78 15.64
C ALA A 132 10.27 -29.13 14.92
N ALA A 133 9.79 -30.19 15.58
CA ALA A 133 9.72 -31.53 15.00
C ALA A 133 8.65 -31.52 13.89
N LEU A 134 7.49 -30.87 14.12
CA LEU A 134 6.46 -30.78 13.08
C LEU A 134 6.99 -30.02 11.86
N GLU A 135 7.71 -28.93 12.09
CA GLU A 135 8.31 -28.18 10.99
C GLU A 135 9.32 -29.03 10.17
N THR A 136 10.15 -29.84 10.84
CA THR A 136 11.12 -30.72 10.18
C THR A 136 10.38 -31.81 9.37
N MET A 137 9.36 -32.43 9.95
CA MET A 137 8.57 -33.45 9.27
C MET A 137 7.90 -32.94 8.00
N ASP A 138 7.38 -31.71 8.04
CA ASP A 138 6.70 -31.11 6.89
C ASP A 138 7.65 -30.50 5.86
N THR A 139 8.77 -29.92 6.27
CA THR A 139 9.65 -29.19 5.35
C THR A 139 10.96 -29.90 4.95
N GLY A 140 11.45 -30.76 5.83
CA GLY A 140 12.70 -31.44 5.63
C GLY A 140 13.91 -30.69 6.13
N LYS A 141 13.72 -29.57 6.83
CA LYS A 141 14.84 -28.79 7.36
C LYS A 141 15.40 -29.47 8.61
N PRO A 142 16.72 -29.33 8.90
CA PRO A 142 17.28 -29.97 10.08
C PRO A 142 16.56 -29.57 11.37
N PHE A 143 16.27 -30.54 12.26
CA PHE A 143 15.57 -30.29 13.52
C PHE A 143 16.23 -29.19 14.35
N LEU A 144 17.58 -29.13 14.34
CA LEU A 144 18.30 -28.12 15.10
C LEU A 144 18.15 -26.72 14.49
N HIS A 145 17.98 -26.62 13.17
CA HIS A 145 17.76 -25.36 12.52
C HIS A 145 16.36 -24.85 12.84
N ALA A 146 15.34 -25.73 12.83
CA ALA A 146 13.99 -25.32 13.17
C ALA A 146 13.89 -24.95 14.67
N PHE A 147 14.67 -25.62 15.54
CA PHE A 147 14.62 -25.35 16.97
C PHE A 147 15.25 -24.00 17.35
N PHE A 148 16.47 -23.75 16.88
CA PHE A 148 17.29 -22.60 17.20
C PHE A 148 17.15 -21.39 16.29
N ILE A 149 16.57 -21.57 15.10
CA ILE A 149 16.42 -20.46 14.17
C ILE A 149 14.93 -20.12 14.01
N ASP A 150 14.11 -21.02 13.43
CA ASP A 150 12.69 -20.76 13.18
C ASP A 150 11.91 -20.49 14.46
N LEU A 151 12.04 -21.38 15.46
CA LEU A 151 11.29 -21.23 16.70
C LEU A 151 11.77 -20.04 17.53
N GLU A 152 13.07 -19.73 17.48
CA GLU A 152 13.59 -18.55 18.18
C GLU A 152 13.05 -17.27 17.52
N GLY A 153 13.00 -17.24 16.18
CA GLY A 153 12.44 -16.12 15.44
C GLY A 153 10.98 -15.85 15.82
N CYS A 154 10.18 -16.91 15.93
CA CYS A 154 8.78 -16.85 16.31
C CYS A 154 8.63 -16.25 17.70
N ILE A 155 9.36 -16.78 18.69
CA ILE A 155 9.26 -16.33 20.07
C ILE A 155 9.67 -14.87 20.20
N ARG A 156 10.79 -14.50 19.60
CA ARG A 156 11.25 -13.13 19.59
C ARG A 156 10.25 -12.18 18.92
N THR A 157 9.69 -12.57 17.75
CA THR A 157 8.74 -11.74 17.03
C THR A 157 7.49 -11.49 17.84
N LEU A 158 6.98 -12.54 18.50
CA LEU A 158 5.82 -12.43 19.36
C LEU A 158 6.09 -11.51 20.54
N ARG A 159 7.27 -11.59 21.18
CA ARG A 159 7.56 -10.76 22.35
C ARG A 159 7.76 -9.28 22.01
N TYR A 160 8.40 -9.00 20.85
CA TYR A 160 8.62 -7.64 20.37
C TYR A 160 7.30 -6.94 20.09
N PHE A 161 6.36 -7.62 19.40
CA PHE A 161 5.07 -7.02 19.04
C PHE A 161 4.12 -6.96 20.20
N ALA A 162 4.27 -7.85 21.20
CA ALA A 162 3.49 -7.75 22.43
C ALA A 162 3.80 -6.40 23.12
N GLY A 163 5.04 -5.92 23.00
CA GLY A 163 5.46 -4.64 23.56
C GLY A 163 4.97 -3.41 22.83
N TRP A 164 4.52 -3.54 21.58
CA TRP A 164 4.01 -2.40 20.81
C TRP A 164 2.54 -2.12 21.11
N ALA A 165 1.78 -3.10 21.62
CA ALA A 165 0.34 -2.97 21.83
C ALA A 165 -0.12 -1.67 22.50
N ASP A 166 0.59 -1.18 23.53
CA ASP A 166 0.19 0.06 24.21
C ASP A 166 1.04 1.27 23.82
N LYS A 167 1.74 1.15 22.69
CA LYS A 167 2.63 2.18 22.16
C LYS A 167 2.32 2.54 20.72
N ILE A 168 1.14 2.14 20.19
CA ILE A 168 0.70 2.54 18.84
C ILE A 168 0.08 3.94 18.99
N GLN A 169 0.80 4.97 18.56
CA GLN A 169 0.36 6.35 18.81
C GLN A 169 0.10 7.16 17.57
N GLY A 170 -0.96 7.95 17.60
CA GLY A 170 -1.24 8.89 16.53
C GLY A 170 -0.60 10.23 16.83
N LYS A 171 -1.08 11.27 16.19
CA LYS A 171 -0.54 12.61 16.35
C LYS A 171 -1.58 13.65 16.71
N THR A 172 -1.15 14.73 17.34
CA THR A 172 -1.97 15.91 17.57
C THR A 172 -1.35 16.96 16.67
N ILE A 173 -2.15 17.49 15.79
CA ILE A 173 -1.66 18.37 14.74
C ILE A 173 -2.03 19.83 14.95
N PRO A 174 -1.02 20.72 14.97
CA PRO A 174 -1.31 22.17 15.09
C PRO A 174 -1.92 22.68 13.78
N THR A 175 -3.00 23.45 13.89
CA THR A 175 -3.71 24.00 12.73
C THR A 175 -4.00 25.51 13.03
N ASP A 176 -5.22 25.87 13.52
CA ASP A 176 -5.73 27.20 13.85
C ASP A 176 -6.02 27.31 15.35
N ASP A 177 -6.08 28.53 15.84
CA ASP A 177 -6.37 28.87 17.23
C ASP A 177 -7.69 28.23 17.74
N ASN A 178 -8.69 28.15 16.86
CA ASN A 178 -10.01 27.60 17.19
C ASN A 178 -10.26 26.14 16.72
N VAL A 179 -9.20 25.40 16.29
CA VAL A 179 -9.37 24.02 15.81
C VAL A 179 -8.51 23.04 16.58
N VAL A 180 -9.08 21.86 16.94
CA VAL A 180 -8.39 20.73 17.58
C VAL A 180 -8.34 19.62 16.53
N CYS A 181 -7.15 19.19 16.12
CA CYS A 181 -6.99 18.21 15.07
C CYS A 181 -6.03 17.10 15.49
N PHE A 182 -6.43 15.86 15.31
CA PHE A 182 -5.61 14.72 15.69
C PHE A 182 -5.87 13.52 14.83
N THR A 183 -4.92 12.58 14.83
CA THR A 183 -5.05 11.34 14.12
C THR A 183 -5.12 10.17 15.08
N ARG A 184 -5.88 9.16 14.68
CA ARG A 184 -6.01 7.88 15.40
C ARG A 184 -5.48 6.76 14.50
N HIS A 185 -4.74 5.80 15.07
CA HIS A 185 -4.22 4.67 14.30
C HIS A 185 -5.09 3.47 14.64
N GLU A 186 -6.22 3.36 13.96
CA GLU A 186 -7.20 2.34 14.20
C GLU A 186 -6.89 1.00 13.54
N PRO A 187 -7.32 -0.12 14.15
CA PRO A 187 -7.13 -1.43 13.47
C PRO A 187 -7.85 -1.48 12.11
N ILE A 188 -7.33 -2.22 11.10
CA ILE A 188 -8.03 -2.31 9.80
C ILE A 188 -9.29 -3.19 9.87
N GLY A 189 -9.22 -4.30 10.62
CA GLY A 189 -10.37 -5.20 10.70
C GLY A 189 -9.96 -6.63 10.44
N VAL A 190 -10.67 -7.32 9.56
CA VAL A 190 -10.34 -8.71 9.24
C VAL A 190 -9.11 -8.79 8.32
N CYS A 191 -8.08 -9.53 8.71
CA CYS A 191 -6.81 -9.70 7.97
C CYS A 191 -6.62 -11.12 7.51
N GLY A 192 -6.25 -11.31 6.25
CA GLY A 192 -5.98 -12.62 5.70
C GLY A 192 -4.49 -12.83 5.59
N ALA A 193 -4.01 -14.00 5.93
CA ALA A 193 -2.57 -14.29 5.88
C ALA A 193 -2.38 -15.52 5.02
N ILE A 194 -1.56 -15.42 3.97
CA ILE A 194 -1.27 -16.54 3.06
C ILE A 194 0.24 -16.76 3.13
N THR A 195 0.65 -17.92 3.67
CA THR A 195 2.05 -18.20 3.99
C THR A 195 2.71 -19.27 3.11
N PRO A 196 4.06 -19.23 3.00
CA PRO A 196 4.74 -20.18 2.11
C PRO A 196 5.18 -21.48 2.81
N TRP A 197 5.79 -22.39 2.04
CA TRP A 197 6.20 -23.70 2.54
C TRP A 197 7.61 -23.73 3.12
N ASN A 198 8.48 -22.74 2.82
CA ASN A 198 9.87 -22.78 3.30
C ASN A 198 10.03 -22.49 4.81
N PHE A 199 9.37 -21.45 5.34
CA PHE A 199 9.41 -21.13 6.78
C PHE A 199 7.97 -20.98 7.21
N PRO A 200 7.23 -22.09 7.32
CA PRO A 200 5.79 -21.99 7.57
C PRO A 200 5.36 -21.28 8.83
N LEU A 201 5.95 -21.58 9.99
CA LEU A 201 5.54 -20.96 11.23
C LEU A 201 6.07 -19.54 11.36
N LEU A 202 7.33 -19.31 10.94
CA LEU A 202 7.93 -17.98 11.02
C LEU A 202 7.17 -16.92 10.24
N MET A 203 6.87 -17.20 8.95
CA MET A 203 6.13 -16.27 8.09
C MET A 203 4.70 -16.03 8.54
N LEU A 204 4.13 -16.97 9.30
CA LEU A 204 2.80 -16.83 9.83
C LEU A 204 2.90 -15.84 11.03
N VAL A 205 3.88 -16.06 11.94
CA VAL A 205 4.06 -15.23 13.12
C VAL A 205 4.41 -13.78 12.73
N TRP A 206 5.20 -13.59 11.65
CA TRP A 206 5.54 -12.27 11.10
C TRP A 206 4.27 -11.47 10.79
N LYS A 207 3.19 -12.14 10.39
CA LYS A 207 1.93 -11.50 10.09
C LYS A 207 1.01 -11.43 11.30
N LEU A 208 0.94 -12.50 12.08
CA LEU A 208 0.04 -12.60 13.22
C LEU A 208 0.40 -11.65 14.37
N ALA A 209 1.68 -11.56 14.73
CA ALA A 209 2.12 -10.72 15.83
C ALA A 209 1.72 -9.24 15.68
N PRO A 210 2.08 -8.52 14.58
CA PRO A 210 1.64 -7.13 14.46
C PRO A 210 0.14 -6.98 14.22
N ALA A 211 -0.51 -7.93 13.54
CA ALA A 211 -1.97 -7.85 13.33
C ALA A 211 -2.73 -7.89 14.67
N LEU A 212 -2.39 -8.84 15.55
CA LEU A 212 -3.04 -8.98 16.84
C LEU A 212 -2.61 -7.89 17.80
N CYS A 213 -1.33 -7.46 17.74
CA CYS A 213 -0.92 -6.33 18.59
C CYS A 213 -1.74 -5.05 18.25
N CYS A 214 -2.12 -4.88 16.97
CA CYS A 214 -2.91 -3.72 16.52
C CYS A 214 -4.43 -3.85 16.77
N GLY A 215 -4.90 -5.01 17.22
CA GLY A 215 -6.31 -5.21 17.51
C GLY A 215 -7.17 -5.72 16.38
N ASN A 216 -6.56 -6.37 15.39
CA ASN A 216 -7.29 -6.92 14.25
C ASN A 216 -7.72 -8.39 14.53
N THR A 217 -8.55 -8.97 13.63
CA THR A 217 -8.91 -10.39 13.64
C THR A 217 -8.35 -11.02 12.36
N MET A 218 -8.19 -12.35 12.34
CA MET A 218 -7.51 -13.01 11.23
C MET A 218 -8.14 -14.28 10.71
N VAL A 219 -7.88 -14.55 9.44
CA VAL A 219 -8.22 -15.76 8.70
C VAL A 219 -6.88 -16.18 8.09
N LEU A 220 -6.31 -17.29 8.57
CA LEU A 220 -5.01 -17.81 8.13
C LEU A 220 -5.13 -18.98 7.16
N LYS A 221 -4.26 -19.02 6.14
CA LYS A 221 -4.16 -20.13 5.23
C LYS A 221 -2.72 -20.59 5.14
N PRO A 222 -2.40 -21.70 5.82
CA PRO A 222 -1.04 -22.25 5.68
C PRO A 222 -0.85 -22.86 4.29
N ALA A 223 0.42 -23.04 3.87
CA ALA A 223 0.74 -23.63 2.56
C ALA A 223 0.20 -25.06 2.50
N GLU A 224 -0.31 -25.48 1.32
CA GLU A 224 -0.86 -26.84 1.15
C GLU A 224 0.16 -27.92 1.52
N GLN A 225 1.44 -27.67 1.22
CA GLN A 225 2.58 -28.53 1.49
C GLN A 225 2.94 -28.61 2.96
N THR A 226 2.69 -27.54 3.75
CA THR A 226 3.12 -27.47 5.16
C THR A 226 2.05 -26.91 6.14
N PRO A 227 0.98 -27.65 6.44
CA PRO A 227 -0.06 -27.11 7.35
C PRO A 227 0.05 -27.44 8.83
N LEU A 228 0.85 -28.42 9.23
CA LEU A 228 0.89 -28.91 10.62
C LEU A 228 1.26 -27.89 11.70
N THR A 229 2.33 -27.08 11.52
CA THR A 229 2.68 -26.10 12.58
C THR A 229 1.60 -25.03 12.77
N ALA A 230 0.91 -24.60 11.68
CA ALA A 230 -0.18 -23.61 11.82
C ALA A 230 -1.30 -24.17 12.63
N LEU A 231 -1.66 -25.44 12.42
CA LEU A 231 -2.74 -26.06 13.17
C LEU A 231 -2.35 -26.30 14.60
N TYR A 232 -1.06 -26.61 14.87
CA TYR A 232 -0.61 -26.73 16.26
C TYR A 232 -0.76 -25.38 16.99
N LEU A 233 -0.30 -24.27 16.37
CA LEU A 233 -0.40 -22.92 16.90
C LEU A 233 -1.85 -22.53 17.25
N GLY A 234 -2.82 -23.07 16.52
CA GLY A 234 -4.24 -22.85 16.79
C GLY A 234 -4.62 -23.29 18.20
N SER A 235 -4.19 -24.50 18.60
CA SER A 235 -4.47 -25.02 19.94
C SER A 235 -3.84 -24.11 21.03
N LEU A 236 -2.62 -23.59 20.79
CA LEU A 236 -1.94 -22.67 21.69
C LEU A 236 -2.63 -21.30 21.76
N ILE A 237 -3.26 -20.87 20.67
CA ILE A 237 -4.02 -19.63 20.61
C ILE A 237 -5.25 -19.76 21.50
N LYS A 238 -5.95 -20.92 21.43
CA LYS A 238 -7.13 -21.17 22.27
C LYS A 238 -6.70 -21.22 23.73
N GLU A 239 -5.59 -21.92 24.01
CA GLU A 239 -5.02 -22.09 25.34
C GLU A 239 -4.54 -20.78 25.97
N ALA A 240 -4.02 -19.83 25.16
CA ALA A 240 -3.53 -18.55 25.68
C ALA A 240 -4.63 -17.63 26.18
N GLY A 241 -5.87 -17.85 25.75
CA GLY A 241 -6.98 -17.05 26.20
C GLY A 241 -7.56 -16.08 25.19
N PHE A 242 -7.17 -16.21 23.90
CA PHE A 242 -7.72 -15.30 22.88
C PHE A 242 -9.19 -15.60 22.71
N PRO A 243 -10.03 -14.56 22.62
CA PRO A 243 -11.46 -14.81 22.41
C PRO A 243 -11.71 -15.59 21.10
N PRO A 244 -12.82 -16.36 21.00
CA PRO A 244 -13.06 -17.13 19.77
C PRO A 244 -13.26 -16.21 18.57
N GLY A 245 -12.73 -16.62 17.43
CA GLY A 245 -12.89 -15.84 16.21
C GLY A 245 -11.78 -14.85 15.94
N VAL A 246 -10.90 -14.59 16.93
CA VAL A 246 -9.79 -13.67 16.73
C VAL A 246 -8.79 -14.28 15.72
N VAL A 247 -8.50 -15.59 15.82
CA VAL A 247 -7.64 -16.26 14.84
C VAL A 247 -8.38 -17.48 14.31
N ASN A 248 -8.49 -17.61 12.98
CA ASN A 248 -9.19 -18.72 12.32
C ASN A 248 -8.25 -19.29 11.27
N ILE A 249 -8.19 -20.63 11.12
CA ILE A 249 -7.23 -21.24 10.20
C ILE A 249 -7.90 -22.22 9.29
N VAL A 250 -7.70 -22.05 7.99
CA VAL A 250 -8.33 -22.90 6.99
C VAL A 250 -7.27 -23.46 6.08
N PRO A 251 -6.89 -24.73 6.27
CA PRO A 251 -5.94 -25.36 5.35
C PRO A 251 -6.60 -25.66 4.00
N GLY A 252 -5.79 -25.80 2.96
CA GLY A 252 -6.31 -26.05 1.62
C GLY A 252 -5.38 -25.55 0.53
N PHE A 253 -5.88 -25.50 -0.71
CA PHE A 253 -5.11 -25.11 -1.91
C PHE A 253 -5.23 -23.62 -2.31
N GLY A 254 -4.26 -23.14 -3.08
CA GLY A 254 -4.22 -21.79 -3.60
C GLY A 254 -5.43 -21.40 -4.44
N PRO A 255 -5.79 -22.17 -5.49
CA PRO A 255 -6.95 -21.79 -6.31
C PRO A 255 -8.30 -21.85 -5.60
N THR A 256 -8.36 -22.49 -4.42
CA THR A 256 -9.61 -22.61 -3.69
C THR A 256 -9.60 -21.69 -2.46
N VAL A 257 -8.84 -22.02 -1.39
CA VAL A 257 -8.82 -21.23 -0.18
C VAL A 257 -8.16 -19.88 -0.40
N GLY A 258 -6.98 -19.88 -1.03
CA GLY A 258 -6.23 -18.67 -1.32
C GLY A 258 -7.02 -17.67 -2.13
N ALA A 259 -7.64 -18.13 -3.22
CA ALA A 259 -8.46 -17.27 -4.08
C ALA A 259 -9.67 -16.75 -3.30
N ALA A 260 -10.32 -17.58 -2.47
CA ALA A 260 -11.46 -17.15 -1.68
C ALA A 260 -11.08 -16.03 -0.68
N ILE A 261 -9.89 -16.10 -0.09
CA ILE A 261 -9.42 -15.10 0.86
C ILE A 261 -9.07 -13.82 0.11
N SER A 262 -8.32 -13.92 -1.01
CA SER A 262 -7.92 -12.77 -1.83
C SER A 262 -9.10 -11.94 -2.34
N SER A 263 -10.18 -12.61 -2.75
CA SER A 263 -11.34 -11.94 -3.30
C SER A 263 -12.46 -11.66 -2.31
N HIS A 264 -12.35 -12.07 -1.04
CA HIS A 264 -13.43 -11.85 -0.08
C HIS A 264 -13.79 -10.36 0.14
N PRO A 265 -15.08 -10.02 -0.02
CA PRO A 265 -15.49 -8.63 0.13
C PRO A 265 -15.53 -8.11 1.57
N GLN A 266 -15.37 -9.02 2.57
CA GLN A 266 -15.38 -8.67 3.99
C GLN A 266 -14.02 -8.83 4.66
N ILE A 267 -12.95 -9.06 3.91
CA ILE A 267 -11.59 -9.07 4.42
C ILE A 267 -11.03 -7.69 4.00
N ASN A 268 -10.47 -6.95 4.94
CA ASN A 268 -9.98 -5.60 4.71
C ASN A 268 -8.52 -5.53 4.31
N LYS A 269 -7.74 -6.56 4.65
CA LYS A 269 -6.32 -6.57 4.41
C LYS A 269 -5.84 -7.96 4.17
N ILE A 270 -4.83 -8.12 3.32
CA ILE A 270 -4.22 -9.41 3.09
C ILE A 270 -2.70 -9.27 3.09
N ALA A 271 -2.02 -10.19 3.76
CA ALA A 271 -0.56 -10.25 3.77
C ALA A 271 -0.18 -11.55 3.07
N PHE A 272 0.72 -11.51 2.09
CA PHE A 272 1.08 -12.71 1.32
C PHE A 272 2.58 -12.87 1.16
N THR A 273 3.12 -14.08 1.39
CA THR A 273 4.54 -14.38 1.16
C THR A 273 4.60 -15.54 0.19
N GLY A 274 5.39 -15.39 -0.85
CA GLY A 274 5.48 -16.41 -1.89
C GLY A 274 6.11 -15.86 -3.15
N SER A 275 5.76 -16.42 -4.32
CA SER A 275 6.35 -16.02 -5.61
C SER A 275 5.79 -14.71 -6.18
N THR A 276 6.57 -14.02 -7.02
CA THR A 276 6.13 -12.78 -7.65
C THR A 276 4.89 -13.00 -8.53
N GLU A 277 4.86 -14.13 -9.25
CA GLU A 277 3.75 -14.45 -10.12
C GLU A 277 2.42 -14.67 -9.36
N VAL A 278 2.44 -15.41 -8.24
CA VAL A 278 1.24 -15.58 -7.42
C VAL A 278 0.91 -14.26 -6.69
N GLY A 279 1.93 -13.50 -6.28
CA GLY A 279 1.78 -12.19 -5.66
C GLY A 279 1.01 -11.22 -6.54
N LYS A 280 1.27 -11.26 -7.84
CA LYS A 280 0.55 -10.42 -8.80
C LYS A 280 -0.93 -10.84 -8.87
N LEU A 281 -1.21 -12.14 -8.83
CA LEU A 281 -2.60 -12.61 -8.87
C LEU A 281 -3.36 -12.21 -7.61
N VAL A 282 -2.68 -12.24 -6.45
CA VAL A 282 -3.28 -11.85 -5.18
C VAL A 282 -3.63 -10.38 -5.20
N LYS A 283 -2.70 -9.53 -5.64
CA LYS A 283 -2.94 -8.09 -5.70
C LYS A 283 -4.07 -7.71 -6.67
N GLU A 284 -4.13 -8.38 -7.83
CA GLU A 284 -5.21 -8.12 -8.78
C GLU A 284 -6.58 -8.52 -8.22
N ALA A 285 -6.70 -9.70 -7.58
CA ALA A 285 -7.96 -10.16 -7.00
C ALA A 285 -8.44 -9.17 -5.91
N ALA A 286 -7.49 -8.63 -5.14
CA ALA A 286 -7.73 -7.67 -4.08
C ALA A 286 -8.26 -6.37 -4.66
N SER A 287 -7.69 -5.90 -5.79
CA SER A 287 -8.15 -4.68 -6.41
C SER A 287 -9.55 -4.87 -6.97
N ARG A 288 -9.75 -5.92 -7.80
CA ARG A 288 -10.99 -6.28 -8.47
C ARG A 288 -12.19 -6.39 -7.54
N SER A 289 -11.95 -6.90 -6.32
CA SER A 289 -13.02 -7.11 -5.36
C SER A 289 -13.37 -5.86 -4.49
N ASN A 290 -12.64 -5.57 -3.40
CA ASN A 290 -13.01 -4.48 -2.50
C ASN A 290 -11.88 -3.51 -2.18
N LEU A 291 -10.78 -3.54 -2.92
CA LEU A 291 -9.65 -2.66 -2.68
C LEU A 291 -9.00 -2.82 -1.31
N LYS A 292 -9.02 -4.03 -0.78
CA LYS A 292 -8.35 -4.38 0.47
C LYS A 292 -6.83 -4.08 0.35
N ARG A 293 -6.20 -3.71 1.44
CA ARG A 293 -4.77 -3.41 1.51
C ARG A 293 -3.98 -4.70 1.40
N VAL A 294 -2.82 -4.67 0.73
CA VAL A 294 -2.07 -5.86 0.45
C VAL A 294 -0.60 -5.71 0.72
N THR A 295 -0.05 -6.49 1.66
CA THR A 295 1.40 -6.54 1.84
C THR A 295 1.86 -7.77 1.02
N LEU A 296 3.02 -7.66 0.34
CA LEU A 296 3.56 -8.75 -0.47
C LEU A 296 5.03 -8.94 -0.14
N GLU A 297 5.44 -10.14 0.17
CA GLU A 297 6.85 -10.46 0.43
C GLU A 297 7.15 -11.50 -0.64
N LEU A 298 7.84 -11.09 -1.71
CA LEU A 298 8.00 -11.96 -2.89
C LEU A 298 9.48 -12.43 -3.07
N GLY A 299 9.83 -12.91 -4.26
CA GLY A 299 11.18 -13.39 -4.50
C GLY A 299 12.20 -12.31 -4.84
N GLY A 300 13.43 -12.75 -4.99
CA GLY A 300 14.51 -11.84 -5.37
C GLY A 300 15.61 -12.53 -6.15
N LYS A 301 16.48 -11.73 -6.75
CA LYS A 301 17.69 -12.16 -7.46
C LYS A 301 18.78 -11.47 -6.61
N ASN A 302 19.01 -12.00 -5.41
CA ASN A 302 19.86 -11.33 -4.43
C ASN A 302 21.35 -11.38 -4.73
N PRO A 303 21.97 -10.20 -4.88
CA PRO A 303 23.42 -10.17 -5.07
C PRO A 303 24.15 -10.23 -3.74
N CYS A 304 25.35 -10.80 -3.79
CA CYS A 304 26.25 -10.87 -2.65
C CYS A 304 27.58 -10.42 -3.22
N ILE A 305 28.04 -9.21 -2.86
CA ILE A 305 29.24 -8.58 -3.39
C ILE A 305 30.45 -8.69 -2.45
N VAL A 306 31.55 -9.32 -2.94
CA VAL A 306 32.77 -9.54 -2.20
C VAL A 306 33.90 -8.68 -2.75
N CYS A 307 34.32 -7.64 -2.01
CA CYS A 307 35.36 -6.73 -2.49
C CYS A 307 36.77 -7.32 -2.28
N ALA A 308 37.80 -6.75 -2.93
CA ALA A 308 39.17 -7.24 -2.79
C ALA A 308 39.72 -7.01 -1.36
N ASP A 309 39.23 -5.96 -0.65
CA ASP A 309 39.66 -5.72 0.72
C ASP A 309 38.78 -6.37 1.80
N ALA A 310 37.93 -7.33 1.42
CA ALA A 310 37.08 -8.04 2.38
C ALA A 310 37.92 -8.97 3.26
N ASP A 311 37.39 -9.38 4.42
CA ASP A 311 37.99 -10.42 5.25
C ASP A 311 37.49 -11.67 4.51
N LEU A 312 38.33 -12.21 3.61
CA LEU A 312 37.94 -13.32 2.74
C LEU A 312 37.34 -14.52 3.43
N ASP A 313 37.85 -14.94 4.59
CA ASP A 313 37.29 -16.09 5.27
C ASP A 313 35.85 -15.83 5.73
N LEU A 314 35.57 -14.60 6.21
CA LEU A 314 34.23 -14.20 6.63
C LEU A 314 33.29 -14.21 5.44
N ALA A 315 33.72 -13.60 4.31
CA ALA A 315 32.98 -13.53 3.06
C ALA A 315 32.67 -14.91 2.49
N VAL A 316 33.58 -15.88 2.67
CA VAL A 316 33.38 -17.23 2.15
C VAL A 316 32.30 -17.95 2.95
N GLU A 317 32.37 -17.88 4.28
CA GLU A 317 31.42 -18.56 5.17
C GLU A 317 30.03 -17.95 5.08
N CYS A 318 29.95 -16.62 4.93
CA CYS A 318 28.68 -15.90 4.84
C CYS A 318 28.00 -16.17 3.51
N ALA A 319 28.76 -16.11 2.40
CA ALA A 319 28.18 -16.42 1.09
C ALA A 319 27.74 -17.88 1.04
N HIS A 320 28.50 -18.79 1.69
CA HIS A 320 28.17 -20.22 1.75
C HIS A 320 26.83 -20.42 2.46
N GLN A 321 26.70 -19.92 3.70
CA GLN A 321 25.45 -20.07 4.44
C GLN A 321 24.27 -19.33 3.78
N GLY A 322 24.56 -18.21 3.12
CA GLY A 322 23.56 -17.43 2.42
C GLY A 322 22.96 -18.18 1.25
N VAL A 323 23.75 -19.04 0.59
CA VAL A 323 23.28 -19.82 -0.53
C VAL A 323 22.60 -21.11 -0.05
N PHE A 324 23.29 -21.89 0.80
CA PHE A 324 22.86 -23.23 1.18
C PHE A 324 21.90 -23.34 2.35
N PHE A 325 21.69 -22.28 3.14
CA PHE A 325 20.76 -22.34 4.27
C PHE A 325 19.35 -22.73 3.85
N ASN A 326 18.75 -23.70 4.58
CA ASN A 326 17.42 -24.24 4.32
C ASN A 326 17.37 -24.89 2.93
N GLN A 327 18.47 -25.54 2.53
CA GLN A 327 18.57 -26.23 1.24
C GLN A 327 18.41 -25.26 0.07
N GLY A 328 18.86 -24.01 0.24
CA GLY A 328 18.73 -22.98 -0.79
C GLY A 328 17.30 -22.47 -0.96
N GLN A 329 16.35 -22.95 -0.13
CA GLN A 329 14.95 -22.58 -0.21
C GLN A 329 14.60 -21.37 0.66
N CYS A 330 15.31 -20.26 0.46
N CYS A 330 15.35 -20.26 0.47
CA CYS A 330 15.09 -19.04 1.23
CA CYS A 330 15.16 -19.01 1.22
C CYS A 330 14.86 -17.87 0.28
C CYS A 330 14.85 -17.88 0.25
N CYS A 331 14.01 -16.93 0.67
CA CYS A 331 13.75 -15.73 -0.15
C CYS A 331 15.00 -14.84 -0.16
N THR A 332 15.80 -14.87 0.90
CA THR A 332 17.04 -14.12 1.05
C THR A 332 18.27 -14.79 0.41
N ALA A 333 18.13 -16.00 -0.17
CA ALA A 333 19.23 -16.73 -0.80
C ALA A 333 20.03 -15.93 -1.79
N ALA A 334 21.37 -15.99 -1.70
CA ALA A 334 22.24 -15.30 -2.63
C ALA A 334 22.15 -16.03 -3.96
N SER A 335 21.62 -15.37 -4.99
CA SER A 335 21.53 -16.00 -6.30
C SER A 335 22.70 -15.59 -7.23
N ARG A 336 23.44 -14.51 -6.90
N ARG A 336 23.44 -14.50 -6.89
CA ARG A 336 24.58 -14.04 -7.68
CA ARG A 336 24.55 -14.00 -7.68
C ARG A 336 25.68 -13.57 -6.75
C ARG A 336 25.67 -13.56 -6.73
N VAL A 337 26.76 -14.35 -6.64
CA VAL A 337 27.88 -14.01 -5.79
C VAL A 337 28.92 -13.31 -6.67
N PHE A 338 28.97 -11.97 -6.66
CA PHE A 338 29.96 -11.19 -7.39
C PHE A 338 31.26 -11.10 -6.54
N VAL A 339 32.40 -11.50 -7.12
CA VAL A 339 33.70 -11.47 -6.42
C VAL A 339 34.70 -10.67 -7.22
N GLU A 340 35.38 -9.71 -6.58
CA GLU A 340 36.39 -8.89 -7.26
C GLU A 340 37.54 -9.78 -7.78
N GLU A 341 38.09 -9.46 -8.97
CA GLU A 341 39.11 -10.30 -9.64
C GLU A 341 40.35 -10.64 -8.80
N GLN A 342 40.82 -9.70 -7.95
CA GLN A 342 41.99 -9.89 -7.10
C GLN A 342 41.86 -11.06 -6.14
N VAL A 343 40.63 -11.44 -5.79
CA VAL A 343 40.41 -12.55 -4.84
C VAL A 343 39.53 -13.67 -5.39
N TYR A 344 39.09 -13.56 -6.65
CA TYR A 344 38.22 -14.52 -7.29
C TYR A 344 38.65 -15.97 -7.14
N SER A 345 39.89 -16.31 -7.56
CA SER A 345 40.40 -17.68 -7.55
C SER A 345 40.44 -18.29 -6.17
N GLU A 346 40.91 -17.53 -5.17
CA GLU A 346 40.95 -18.03 -3.80
C GLU A 346 39.56 -18.17 -3.22
N PHE A 347 38.65 -17.21 -3.56
CA PHE A 347 37.26 -17.27 -3.14
C PHE A 347 36.62 -18.59 -3.66
N VAL A 348 36.81 -18.86 -4.96
CA VAL A 348 36.29 -20.10 -5.55
C VAL A 348 36.80 -21.36 -4.82
N ARG A 349 38.13 -21.44 -4.57
CA ARG A 349 38.77 -22.58 -3.90
C ARG A 349 38.26 -22.81 -2.49
N ARG A 350 38.22 -21.74 -1.67
CA ARG A 350 37.74 -21.87 -0.29
C ARG A 350 36.25 -22.18 -0.24
N SER A 351 35.46 -21.71 -1.22
CA SER A 351 34.01 -21.98 -1.26
C SER A 351 33.76 -23.46 -1.59
N VAL A 352 34.55 -24.01 -2.54
CA VAL A 352 34.44 -25.43 -2.93
C VAL A 352 34.69 -26.36 -1.73
N GLU A 353 35.73 -26.07 -0.93
CA GLU A 353 36.04 -26.85 0.27
C GLU A 353 34.86 -26.86 1.27
N TYR A 354 34.18 -25.70 1.45
CA TYR A 354 33.01 -25.60 2.31
C TYR A 354 31.87 -26.48 1.74
N ALA A 355 31.58 -26.34 0.43
CA ALA A 355 30.54 -27.11 -0.22
C ALA A 355 30.74 -28.65 -0.12
N LYS A 356 31.99 -29.12 -0.23
CA LYS A 356 32.26 -30.57 -0.12
C LYS A 356 32.14 -31.07 1.31
N LYS A 357 32.49 -30.23 2.30
CA LYS A 357 32.38 -30.64 3.70
C LYS A 357 30.99 -30.49 4.33
N ARG A 358 29.98 -29.98 3.57
CA ARG A 358 28.62 -29.78 4.10
C ARG A 358 27.83 -31.10 4.30
N PRO A 359 27.45 -31.42 5.55
CA PRO A 359 26.72 -32.67 5.81
C PRO A 359 25.25 -32.72 5.38
N VAL A 360 24.94 -33.57 4.38
CA VAL A 360 23.60 -33.76 3.83
C VAL A 360 23.00 -35.10 4.32
N GLY A 361 21.81 -35.07 4.93
CA GLY A 361 21.17 -36.29 5.41
C GLY A 361 19.86 -36.15 6.15
N ASP A 362 19.60 -37.10 7.07
CA ASP A 362 18.38 -37.15 7.88
C ASP A 362 18.32 -35.90 8.78
N PRO A 363 17.30 -35.03 8.58
CA PRO A 363 17.21 -33.79 9.37
C PRO A 363 17.11 -34.00 10.88
N PHE A 364 16.65 -35.17 11.32
CA PHE A 364 16.59 -35.48 12.74
C PHE A 364 17.96 -35.90 13.35
N ASP A 365 19.04 -35.88 12.54
CA ASP A 365 20.39 -36.21 12.97
C ASP A 365 21.18 -34.94 13.27
N VAL A 366 21.77 -34.87 14.47
CA VAL A 366 22.53 -33.74 15.01
C VAL A 366 23.57 -33.14 14.06
N LYS A 367 24.24 -33.97 13.25
CA LYS A 367 25.26 -33.47 12.32
C LYS A 367 24.71 -32.91 11.01
N THR A 368 23.44 -33.17 10.69
CA THR A 368 22.86 -32.71 9.44
C THR A 368 22.70 -31.17 9.35
N GLU A 369 23.25 -30.62 8.26
CA GLU A 369 23.19 -29.20 7.88
C GLU A 369 22.25 -28.99 6.65
N GLN A 370 21.89 -30.06 5.93
CA GLN A 370 21.08 -29.96 4.74
C GLN A 370 20.19 -31.18 4.60
N GLY A 371 18.89 -30.96 4.66
CA GLY A 371 17.93 -32.04 4.46
C GLY A 371 17.55 -32.20 3.01
N PRO A 372 16.45 -32.91 2.74
CA PRO A 372 16.01 -33.06 1.35
C PRO A 372 15.32 -31.80 0.83
N GLN A 373 15.17 -31.70 -0.51
CA GLN A 373 14.41 -30.62 -1.10
C GLN A 373 12.92 -30.87 -0.75
N ILE A 374 12.06 -29.84 -0.85
CA ILE A 374 10.66 -29.95 -0.42
C ILE A 374 9.86 -31.05 -1.15
N ASP A 375 9.99 -31.15 -2.49
CA ASP A 375 9.24 -32.14 -3.26
C ASP A 375 9.88 -32.46 -4.62
N GLN A 376 9.27 -33.39 -5.38
CA GLN A 376 9.73 -33.83 -6.68
C GLN A 376 9.77 -32.68 -7.68
N LYS A 377 8.74 -31.82 -7.70
CA LYS A 377 8.71 -30.68 -8.62
C LYS A 377 9.88 -29.72 -8.38
N GLN A 378 10.22 -29.43 -7.12
CA GLN A 378 11.36 -28.56 -6.82
C GLN A 378 12.68 -29.25 -7.15
N PHE A 379 12.84 -30.52 -6.70
CA PHE A 379 14.02 -31.35 -6.94
C PHE A 379 14.37 -31.48 -8.43
N ASP A 380 13.39 -31.78 -9.29
CA ASP A 380 13.63 -31.90 -10.72
C ASP A 380 13.96 -30.54 -11.34
N LYS A 381 13.32 -29.47 -10.83
CA LYS A 381 13.56 -28.11 -11.30
C LYS A 381 14.98 -27.64 -11.04
N ILE A 382 15.55 -28.01 -9.87
CA ILE A 382 16.93 -27.61 -9.52
C ILE A 382 17.90 -28.34 -10.44
N LEU A 383 17.71 -29.65 -10.63
CA LEU A 383 18.56 -30.46 -11.49
C LEU A 383 18.50 -30.00 -12.95
N GLU A 384 17.34 -29.50 -13.40
CA GLU A 384 17.18 -28.97 -14.74
C GLU A 384 18.04 -27.72 -14.93
N LEU A 385 18.08 -26.82 -13.92
CA LEU A 385 18.90 -25.61 -13.95
C LEU A 385 20.41 -25.95 -13.81
N ILE A 386 20.74 -26.99 -13.03
CA ILE A 386 22.12 -27.44 -12.87
C ILE A 386 22.66 -27.93 -14.22
N GLU A 387 21.84 -28.71 -14.97
CA GLU A 387 22.21 -29.22 -16.30
C GLU A 387 22.36 -28.07 -17.31
N SER A 388 21.50 -27.05 -17.18
CA SER A 388 21.53 -25.85 -18.02
C SER A 388 22.85 -25.11 -17.85
N GLY A 389 23.35 -25.03 -16.62
CA GLY A 389 24.62 -24.36 -16.32
C GLY A 389 25.80 -25.06 -16.95
N LYS A 390 25.75 -26.40 -17.01
CA LYS A 390 26.80 -27.20 -17.65
C LYS A 390 26.87 -26.84 -19.15
N LYS A 391 25.73 -26.93 -19.87
CA LYS A 391 25.69 -26.64 -21.30
C LYS A 391 25.68 -25.15 -21.68
N GLU A 392 25.80 -24.25 -20.69
CA GLU A 392 25.85 -22.81 -21.00
C GLU A 392 27.28 -22.23 -20.99
N GLY A 393 28.20 -22.90 -20.31
CA GLY A 393 29.58 -22.43 -20.27
C GLY A 393 30.20 -22.34 -18.89
N ALA A 394 29.40 -22.52 -17.82
CA ALA A 394 29.93 -22.46 -16.46
C ALA A 394 30.88 -23.60 -16.16
N LYS A 395 31.81 -23.40 -15.21
CA LYS A 395 32.74 -24.42 -14.79
C LYS A 395 32.23 -25.09 -13.52
N LEU A 396 31.71 -26.33 -13.65
CA LEU A 396 31.22 -27.07 -12.48
C LEU A 396 32.38 -27.37 -11.54
N GLU A 397 32.47 -26.64 -10.42
CA GLU A 397 33.56 -26.81 -9.48
C GLU A 397 33.38 -27.97 -8.52
N CYS A 398 32.13 -28.41 -8.28
CA CYS A 398 31.73 -29.52 -7.42
C CYS A 398 30.21 -29.71 -7.42
N GLY A 399 29.76 -30.91 -7.06
CA GLY A 399 28.35 -31.26 -7.06
C GLY A 399 27.83 -31.41 -8.48
N GLY A 400 26.52 -31.21 -8.66
CA GLY A 400 25.92 -31.29 -9.98
C GLY A 400 24.92 -32.41 -10.20
N SER A 401 24.64 -33.20 -9.16
CA SER A 401 23.71 -34.33 -9.28
C SER A 401 23.05 -34.70 -7.95
N ALA A 402 22.09 -35.63 -7.97
CA ALA A 402 21.45 -36.11 -6.76
C ALA A 402 22.41 -36.96 -5.92
N MET A 403 22.16 -37.09 -4.60
CA MET A 403 23.03 -37.86 -3.71
C MET A 403 22.86 -39.37 -3.93
N GLU A 404 21.61 -39.81 -4.00
CA GLU A 404 21.28 -41.20 -4.23
C GLU A 404 20.03 -41.27 -5.11
N ASP A 405 19.92 -42.32 -5.93
CA ASP A 405 18.74 -42.47 -6.80
C ASP A 405 17.55 -43.04 -6.02
N LYS A 406 17.18 -42.42 -4.88
CA LYS A 406 16.07 -42.87 -4.05
C LYS A 406 15.41 -41.72 -3.27
N GLY A 407 16.20 -40.72 -2.88
CA GLY A 407 15.71 -39.59 -2.10
C GLY A 407 15.67 -38.25 -2.81
N LEU A 408 15.19 -37.20 -2.11
CA LEU A 408 15.10 -35.85 -2.67
C LEU A 408 16.34 -35.01 -2.32
N PHE A 409 17.50 -35.64 -2.16
CA PHE A 409 18.72 -34.96 -1.77
C PHE A 409 19.57 -34.52 -2.95
N ILE A 410 20.07 -33.27 -2.94
CA ILE A 410 20.92 -32.77 -4.01
C ILE A 410 22.27 -32.39 -3.41
N LYS A 411 23.38 -32.83 -4.02
CA LYS A 411 24.71 -32.53 -3.51
C LYS A 411 25.08 -31.07 -3.73
N PRO A 412 25.63 -30.42 -2.68
CA PRO A 412 26.03 -29.00 -2.80
C PRO A 412 26.85 -28.66 -4.04
N THR A 413 26.27 -27.85 -4.91
CA THR A 413 26.88 -27.50 -6.18
C THR A 413 27.43 -26.09 -6.22
N VAL A 414 28.65 -25.90 -6.76
CA VAL A 414 29.28 -24.59 -6.94
C VAL A 414 29.67 -24.44 -8.40
N PHE A 415 29.28 -23.33 -9.05
CA PHE A 415 29.64 -23.08 -10.43
C PHE A 415 30.54 -21.87 -10.50
N SER A 416 31.66 -21.96 -11.23
CA SER A 416 32.53 -20.80 -11.43
C SER A 416 32.32 -20.27 -12.86
N GLU A 417 33.05 -19.24 -13.29
CA GLU A 417 32.95 -18.67 -14.63
C GLU A 417 31.52 -18.35 -15.06
N VAL A 418 30.66 -17.99 -14.10
CA VAL A 418 29.27 -17.66 -14.40
C VAL A 418 29.19 -16.23 -14.93
N THR A 419 28.40 -16.01 -15.99
CA THR A 419 28.18 -14.71 -16.61
C THR A 419 26.71 -14.24 -16.44
N ASP A 420 26.48 -12.94 -16.60
CA ASP A 420 25.18 -12.32 -16.39
C ASP A 420 24.02 -12.90 -17.17
N ASN A 421 24.23 -13.35 -18.42
CA ASN A 421 23.11 -13.83 -19.23
C ASN A 421 22.86 -15.33 -19.14
N MET A 422 23.56 -16.06 -18.26
CA MET A 422 23.33 -17.49 -18.07
C MET A 422 22.09 -17.73 -17.21
N ARG A 423 21.44 -18.90 -17.41
CA ARG A 423 20.22 -19.24 -16.67
C ARG A 423 20.47 -19.35 -15.18
N ILE A 424 21.59 -19.94 -14.77
CA ILE A 424 21.91 -20.07 -13.36
C ILE A 424 22.18 -18.71 -12.67
N ALA A 425 22.45 -17.65 -13.44
CA ALA A 425 22.63 -16.31 -12.91
C ALA A 425 21.40 -15.42 -13.09
N LYS A 426 20.43 -15.83 -13.91
CA LYS A 426 19.24 -15.03 -14.20
C LYS A 426 18.02 -15.50 -13.44
N GLU A 427 17.91 -16.80 -13.18
CA GLU A 427 16.72 -17.37 -12.57
C GLU A 427 16.86 -17.73 -11.11
N GLU A 428 15.73 -17.67 -10.38
CA GLU A 428 15.69 -18.06 -8.98
C GLU A 428 15.74 -19.58 -8.97
N ILE A 429 16.81 -20.15 -8.39
CA ILE A 429 17.02 -21.59 -8.32
C ILE A 429 16.21 -22.25 -7.23
N PHE A 430 16.23 -21.68 -6.03
CA PHE A 430 15.56 -22.25 -4.87
C PHE A 430 16.11 -23.66 -4.52
N GLY A 431 17.42 -23.81 -4.67
CA GLY A 431 18.14 -25.04 -4.35
C GLY A 431 19.58 -24.80 -3.94
N PRO A 432 20.36 -25.87 -3.70
CA PRO A 432 21.74 -25.69 -3.24
C PRO A 432 22.77 -25.48 -4.36
N VAL A 433 22.71 -24.33 -5.04
CA VAL A 433 23.64 -24.03 -6.12
C VAL A 433 24.25 -22.62 -5.98
N GLN A 434 25.60 -22.53 -5.90
CA GLN A 434 26.32 -21.26 -5.77
C GLN A 434 26.98 -20.75 -7.09
N PRO A 435 26.32 -19.83 -7.80
CA PRO A 435 26.90 -19.28 -9.02
C PRO A 435 27.86 -18.15 -8.68
N ILE A 436 29.17 -18.35 -8.92
CA ILE A 436 30.15 -17.31 -8.62
C ILE A 436 30.54 -16.55 -9.89
N LEU A 437 30.26 -15.25 -9.91
CA LEU A 437 30.54 -14.33 -11.01
C LEU A 437 31.75 -13.46 -10.68
N LYS A 438 32.30 -12.74 -11.66
CA LYS A 438 33.48 -11.94 -11.44
C LYS A 438 33.21 -10.49 -11.81
N PHE A 439 33.78 -9.55 -11.06
CA PHE A 439 33.67 -8.14 -11.40
C PHE A 439 35.02 -7.45 -11.25
N LYS A 440 35.17 -6.27 -11.85
CA LYS A 440 36.41 -5.51 -11.74
C LYS A 440 36.21 -4.24 -10.93
N SER A 441 35.24 -3.37 -11.30
CA SER A 441 35.03 -2.12 -10.57
C SER A 441 33.68 -2.05 -9.78
N ILE A 442 33.60 -1.11 -8.81
CA ILE A 442 32.41 -0.90 -7.99
C ILE A 442 31.26 -0.30 -8.81
N GLU A 443 31.54 0.74 -9.64
CA GLU A 443 30.53 1.33 -10.51
C GLU A 443 29.92 0.27 -11.45
N GLU A 444 30.76 -0.67 -11.94
CA GLU A 444 30.30 -1.75 -12.78
C GLU A 444 29.41 -2.71 -12.00
N VAL A 445 29.86 -3.18 -10.81
CA VAL A 445 29.08 -4.14 -10.02
C VAL A 445 27.76 -3.52 -9.48
N ILE A 446 27.68 -2.19 -9.36
CA ILE A 446 26.46 -1.52 -8.93
C ILE A 446 25.41 -1.70 -10.06
N LYS A 447 25.80 -1.35 -11.30
CA LYS A 447 24.98 -1.47 -12.50
C LYS A 447 24.54 -2.93 -12.71
N ARG A 448 25.46 -3.90 -12.57
CA ARG A 448 25.09 -5.31 -12.74
C ARG A 448 24.14 -5.78 -11.63
N ALA A 449 24.38 -5.38 -10.35
CA ALA A 449 23.50 -5.82 -9.27
C ALA A 449 22.07 -5.23 -9.35
N ASN A 450 21.95 -3.99 -9.85
CA ASN A 450 20.67 -3.28 -9.98
C ASN A 450 19.96 -3.49 -11.33
N SER A 451 20.48 -4.37 -12.20
CA SER A 451 19.87 -4.59 -13.52
C SER A 451 18.74 -5.63 -13.50
N THR A 452 18.16 -5.90 -12.36
CA THR A 452 17.11 -6.89 -12.19
C THR A 452 15.77 -6.21 -11.95
N ASP A 453 14.67 -6.97 -12.04
CA ASP A 453 13.34 -6.44 -11.70
C ASP A 453 13.06 -6.53 -10.16
N TYR A 454 13.90 -7.25 -9.44
CA TYR A 454 13.80 -7.58 -8.04
C TYR A 454 14.67 -6.66 -7.15
N GLY A 455 14.50 -6.74 -5.84
CA GLY A 455 15.26 -5.93 -4.90
C GLY A 455 14.96 -6.27 -3.47
N LEU A 456 15.06 -7.54 -3.08
CA LEU A 456 14.77 -7.95 -1.74
C LEU A 456 15.94 -7.64 -0.76
N THR A 457 17.07 -8.31 -0.96
CA THR A 457 18.23 -8.16 -0.10
C THR A 457 19.50 -8.02 -0.94
N ALA A 458 20.56 -7.54 -0.31
CA ALA A 458 21.90 -7.41 -0.86
C ALA A 458 22.89 -7.60 0.29
N ALA A 459 24.12 -8.07 0.00
CA ALA A 459 25.16 -8.21 1.01
C ALA A 459 26.48 -7.73 0.43
N VAL A 460 27.25 -6.97 1.22
CA VAL A 460 28.51 -6.35 0.83
C VAL A 460 29.58 -6.74 1.86
N PHE A 461 30.78 -7.14 1.37
CA PHE A 461 31.92 -7.59 2.17
C PHE A 461 33.12 -6.76 1.81
N THR A 462 33.52 -5.88 2.71
CA THR A 462 34.63 -4.93 2.56
C THR A 462 35.02 -4.40 3.95
N LYS A 463 36.22 -3.92 4.07
CA LYS A 463 36.72 -3.32 5.31
C LYS A 463 36.79 -1.78 5.25
N ASN A 464 36.56 -1.21 4.05
CA ASN A 464 36.63 0.19 3.70
C ASN A 464 35.27 0.90 3.94
N LEU A 465 35.29 1.89 4.82
CA LEU A 465 34.14 2.69 5.22
C LEU A 465 33.40 3.31 4.02
N ASP A 466 34.12 4.00 3.12
CA ASP A 466 33.54 4.64 1.95
C ASP A 466 32.91 3.67 0.96
N LYS A 467 33.57 2.53 0.69
CA LYS A 467 33.01 1.54 -0.23
C LYS A 467 31.68 0.98 0.30
N ALA A 468 31.69 0.59 1.57
CA ALA A 468 30.55 -0.01 2.25
C ALA A 468 29.36 0.94 2.24
N LEU A 469 29.56 2.23 2.53
CA LEU A 469 28.48 3.21 2.55
C LEU A 469 28.02 3.60 1.16
N LYS A 470 28.92 3.65 0.17
CA LYS A 470 28.55 3.93 -1.22
C LYS A 470 27.69 2.79 -1.75
N LEU A 471 28.09 1.55 -1.48
CA LEU A 471 27.31 0.39 -1.87
C LEU A 471 25.96 0.29 -1.08
N ALA A 472 25.92 0.57 0.24
CA ALA A 472 24.67 0.56 1.02
C ALA A 472 23.64 1.53 0.40
N SER A 473 24.12 2.66 -0.07
CA SER A 473 23.27 3.68 -0.64
C SER A 473 22.83 3.38 -2.08
N ALA A 474 23.75 2.91 -2.94
CA ALA A 474 23.44 2.75 -4.35
C ALA A 474 22.77 1.42 -4.70
N LEU A 475 22.78 0.42 -3.82
CA LEU A 475 22.12 -0.85 -4.13
C LEU A 475 20.60 -0.73 -3.95
N GLU A 476 19.81 -1.06 -4.99
CA GLU A 476 18.35 -0.96 -4.89
C GLU A 476 17.82 -2.24 -4.30
N SER A 477 17.90 -2.33 -2.97
CA SER A 477 17.48 -3.52 -2.23
C SER A 477 16.85 -3.09 -0.89
N GLY A 478 15.83 -3.81 -0.45
CA GLY A 478 15.15 -3.52 0.80
C GLY A 478 16.05 -3.63 2.03
N THR A 479 16.98 -4.62 2.03
CA THR A 479 17.92 -4.81 3.14
C THR A 479 19.32 -4.96 2.55
N VAL A 480 20.27 -4.21 3.09
CA VAL A 480 21.66 -4.34 2.69
C VAL A 480 22.46 -4.79 3.92
N TRP A 481 23.03 -5.98 3.88
CA TRP A 481 23.87 -6.49 4.95
C TRP A 481 25.32 -6.15 4.65
N ILE A 482 26.06 -5.69 5.64
CA ILE A 482 27.48 -5.38 5.47
C ILE A 482 28.29 -6.23 6.42
N ASN A 483 29.12 -7.11 5.86
CA ASN A 483 30.00 -8.05 6.57
C ASN A 483 29.26 -9.07 7.39
N CYS A 484 28.07 -9.48 6.90
CA CYS A 484 27.19 -10.47 7.51
C CYS A 484 26.14 -10.90 6.48
N TYR A 485 25.33 -11.90 6.83
CA TYR A 485 24.30 -12.42 5.95
C TYR A 485 23.18 -12.95 6.81
N ASN A 486 21.93 -12.81 6.32
CA ASN A 486 20.76 -13.30 7.02
C ASN A 486 20.64 -12.76 8.45
N ALA A 487 21.13 -11.55 8.69
CA ALA A 487 21.05 -10.92 10.02
C ALA A 487 19.66 -10.22 10.16
N LEU A 488 18.67 -10.97 10.67
CA LEU A 488 17.30 -10.51 10.83
C LEU A 488 16.97 -10.24 12.29
N TYR A 489 16.22 -9.16 12.53
CA TYR A 489 15.83 -8.76 13.88
C TYR A 489 14.33 -8.44 13.89
N ALA A 490 13.63 -8.77 14.99
CA ALA A 490 12.21 -8.45 15.10
C ALA A 490 11.97 -6.93 14.97
N GLN A 491 12.97 -6.10 15.32
CA GLN A 491 12.89 -4.67 15.36
C GLN A 491 13.35 -3.95 14.10
N ALA A 492 13.84 -4.69 13.09
CA ALA A 492 14.32 -4.09 11.86
C ALA A 492 13.40 -4.50 10.72
N PRO A 493 12.87 -3.53 9.96
CA PRO A 493 11.91 -3.84 8.87
C PRO A 493 12.54 -4.63 7.73
N PHE A 494 11.71 -5.44 7.07
CA PHE A 494 12.16 -6.35 6.00
C PHE A 494 11.14 -6.37 4.86
N GLY A 495 11.64 -6.31 3.63
CA GLY A 495 10.77 -6.32 2.46
C GLY A 495 11.48 -5.86 1.22
N GLY A 496 10.76 -5.93 0.08
CA GLY A 496 11.40 -5.63 -1.19
C GLY A 496 11.13 -4.35 -1.93
N PHE A 497 12.10 -3.96 -2.74
CA PHE A 497 11.97 -2.86 -3.67
C PHE A 497 11.48 -3.54 -4.96
N LYS A 498 10.91 -2.75 -5.87
CA LYS A 498 10.50 -3.22 -7.19
C LYS A 498 9.55 -4.47 -7.15
N MET A 499 9.84 -5.57 -7.88
CA MET A 499 8.94 -6.73 -7.89
C MET A 499 9.18 -7.74 -6.74
N SER A 500 10.00 -7.38 -5.76
CA SER A 500 10.22 -8.22 -4.60
C SER A 500 9.20 -8.02 -3.48
N GLY A 501 8.27 -7.09 -3.65
CA GLY A 501 7.21 -6.90 -2.67
C GLY A 501 6.73 -5.48 -2.53
N ASN A 502 5.74 -5.31 -1.66
CA ASN A 502 5.06 -4.07 -1.33
C ASN A 502 4.90 -4.09 0.19
N GLY A 503 5.28 -3.01 0.84
CA GLY A 503 5.17 -2.92 2.29
C GLY A 503 6.35 -3.60 2.97
N ARG A 504 6.34 -3.58 4.27
CA ARG A 504 7.38 -4.14 5.11
C ARG A 504 6.78 -5.01 6.23
N GLU A 505 7.59 -5.95 6.68
CA GLU A 505 7.31 -6.78 7.84
C GLU A 505 8.39 -6.50 8.88
N LEU A 506 8.09 -6.70 10.16
CA LEU A 506 9.01 -6.49 11.28
C LEU A 506 9.25 -4.99 11.56
N GLY A 507 9.63 -4.71 12.80
CA GLY A 507 9.87 -3.36 13.26
C GLY A 507 8.61 -2.55 13.40
N GLU A 508 8.78 -1.28 13.70
CA GLU A 508 7.65 -0.34 13.86
C GLU A 508 6.91 -0.13 12.53
N TYR A 509 7.61 -0.31 11.40
CA TYR A 509 7.02 -0.17 10.09
C TYR A 509 5.92 -1.18 9.82
N ALA A 510 5.92 -2.34 10.49
CA ALA A 510 4.88 -3.36 10.26
C ALA A 510 3.50 -2.91 10.79
N LEU A 511 3.47 -2.00 11.81
CA LEU A 511 2.24 -1.45 12.38
C LEU A 511 1.48 -0.63 11.35
N ALA A 512 2.16 0.08 10.44
CA ALA A 512 1.51 0.88 9.41
C ALA A 512 0.71 0.01 8.42
N GLU A 513 1.11 -1.26 8.25
CA GLU A 513 0.38 -2.17 7.40
C GLU A 513 -0.88 -2.71 8.10
N TYR A 514 -0.99 -2.61 9.43
CA TYR A 514 -2.10 -3.19 10.18
C TYR A 514 -3.03 -2.19 10.87
N THR A 515 -2.88 -0.91 10.52
CA THR A 515 -3.68 0.17 11.02
C THR A 515 -4.12 1.07 9.85
N GLU A 516 -5.24 1.78 10.06
CA GLU A 516 -5.87 2.74 9.16
C GLU A 516 -5.81 4.11 9.88
N VAL A 517 -5.44 5.16 9.15
CA VAL A 517 -5.36 6.50 9.73
C VAL A 517 -6.70 7.24 9.67
N LYS A 518 -7.16 7.76 10.81
CA LYS A 518 -8.37 8.57 10.86
C LYS A 518 -7.99 9.94 11.41
N THR A 519 -8.39 11.00 10.72
CA THR A 519 -8.17 12.37 11.14
C THR A 519 -9.48 12.88 11.80
N VAL A 520 -9.43 13.35 13.02
CA VAL A 520 -10.57 13.99 13.69
C VAL A 520 -10.26 15.49 13.78
N THR A 521 -11.10 16.34 13.15
CA THR A 521 -10.93 17.80 13.12
C THR A 521 -12.15 18.48 13.76
N ILE A 522 -11.93 19.10 14.92
CA ILE A 522 -12.98 19.75 15.70
C ILE A 522 -12.88 21.26 15.66
N LYS A 523 -13.95 21.93 15.22
CA LYS A 523 -13.98 23.38 15.21
C LYS A 523 -14.73 23.90 16.44
N LEU A 524 -14.08 24.75 17.21
CA LEU A 524 -14.65 25.38 18.40
C LEU A 524 -15.36 26.67 17.99
N GLY A 525 -16.54 26.88 18.57
CA GLY A 525 -17.38 28.05 18.28
C GLY A 525 -17.12 29.22 19.18
N LEU B 37 -11.06 42.27 -3.45
CA LEU B 37 -11.33 41.20 -4.41
C LEU B 37 -10.61 41.46 -5.74
N PRO B 38 -10.07 40.41 -6.38
CA PRO B 38 -9.35 40.61 -7.65
C PRO B 38 -10.29 40.74 -8.85
N ARG B 39 -9.78 41.29 -9.95
CA ARG B 39 -10.56 41.46 -11.17
C ARG B 39 -10.32 40.28 -12.10
N PRO B 40 -11.38 39.70 -12.67
CA PRO B 40 -11.18 38.57 -13.60
C PRO B 40 -10.59 39.02 -14.93
N ILE B 41 -9.80 38.14 -15.57
CA ILE B 41 -9.18 38.50 -16.86
C ILE B 41 -10.21 38.32 -17.98
N ARG B 42 -10.44 39.39 -18.79
CA ARG B 42 -11.46 39.38 -19.84
C ARG B 42 -11.14 38.40 -21.00
N ASN B 43 -10.21 38.76 -21.92
CA ASN B 43 -9.85 37.86 -23.03
C ASN B 43 -8.50 37.22 -22.78
N LEU B 44 -8.43 36.34 -21.78
CA LEU B 44 -7.19 35.65 -21.45
C LEU B 44 -6.88 34.62 -22.54
N GLU B 45 -5.74 34.77 -23.22
CA GLU B 45 -5.36 33.82 -24.25
C GLU B 45 -4.44 32.76 -23.67
N VAL B 46 -4.68 31.50 -24.02
CA VAL B 46 -3.85 30.41 -23.51
C VAL B 46 -2.56 30.34 -24.32
N LYS B 47 -1.45 30.15 -23.62
CA LYS B 47 -0.13 30.14 -24.23
C LYS B 47 0.50 28.73 -24.21
N PHE B 48 0.11 27.89 -23.25
CA PHE B 48 0.70 26.56 -23.10
C PHE B 48 -0.30 25.47 -23.42
N THR B 49 -0.09 24.78 -24.53
CA THR B 49 -0.98 23.73 -25.05
C THR B 49 -0.21 22.50 -25.57
N LYS B 50 1.11 22.46 -25.38
CA LYS B 50 1.93 21.36 -25.87
C LYS B 50 2.32 20.34 -24.77
N ILE B 51 2.99 19.25 -25.16
CA ILE B 51 3.46 18.24 -24.24
C ILE B 51 4.76 18.76 -23.59
N PHE B 52 4.87 18.64 -22.25
CA PHE B 52 6.04 19.16 -21.54
C PHE B 52 7.01 18.06 -21.17
N ILE B 53 8.17 18.00 -21.82
CA ILE B 53 9.16 16.97 -21.53
C ILE B 53 10.56 17.57 -21.53
N ASN B 54 11.37 17.29 -20.49
CA ASN B 54 12.74 17.81 -20.37
C ASN B 54 12.77 19.33 -20.43
N ASN B 55 11.77 19.97 -19.80
CA ASN B 55 11.63 21.43 -19.75
C ASN B 55 11.42 22.06 -21.14
N GLU B 56 10.93 21.27 -22.11
CA GLU B 56 10.67 21.72 -23.47
C GLU B 56 9.24 21.40 -23.91
N TRP B 57 8.74 22.12 -24.91
CA TRP B 57 7.40 21.91 -25.42
C TRP B 57 7.46 21.12 -26.69
N HIS B 58 6.67 20.07 -26.76
CA HIS B 58 6.68 19.17 -27.90
C HIS B 58 5.29 18.97 -28.44
N GLU B 59 5.22 18.73 -29.72
CA GLU B 59 3.98 18.34 -30.37
C GLU B 59 3.87 16.82 -30.15
N SER B 60 2.65 16.28 -30.18
CA SER B 60 2.45 14.83 -30.06
C SER B 60 3.10 14.11 -31.21
N LYS B 61 3.66 12.92 -30.98
CA LYS B 61 4.34 12.18 -32.04
C LYS B 61 3.40 11.78 -33.19
N SER B 62 2.11 11.63 -32.91
CA SER B 62 1.12 11.33 -33.94
C SER B 62 0.68 12.59 -34.72
N GLY B 63 0.91 13.77 -34.15
CA GLY B 63 0.46 15.04 -34.72
C GLY B 63 -0.94 15.42 -34.27
N LYS B 64 -1.70 14.45 -33.70
CA LYS B 64 -3.06 14.63 -33.20
C LYS B 64 -3.13 15.67 -32.09
N LYS B 65 -4.30 16.31 -32.00
CA LYS B 65 -4.68 17.35 -31.07
C LYS B 65 -6.13 17.11 -30.65
N PHE B 66 -6.51 17.64 -29.50
CA PHE B 66 -7.88 17.54 -29.01
C PHE B 66 -8.30 18.89 -28.49
N ALA B 67 -9.62 19.15 -28.50
CA ALA B 67 -10.13 20.46 -28.10
C ALA B 67 -10.49 20.58 -26.66
N THR B 68 -10.20 21.75 -26.09
CA THR B 68 -10.63 22.05 -24.73
C THR B 68 -11.67 23.14 -24.87
N CYS B 69 -12.86 22.91 -24.34
CA CYS B 69 -13.96 23.85 -24.49
C CYS B 69 -14.48 24.38 -23.16
N ASN B 70 -14.73 25.69 -23.13
CA ASN B 70 -15.28 26.40 -21.99
C ASN B 70 -16.68 25.88 -21.75
N PRO B 71 -16.98 25.28 -20.58
CA PRO B 71 -18.33 24.76 -20.34
C PRO B 71 -19.40 25.85 -20.22
N SER B 72 -19.02 27.09 -19.89
CA SER B 72 -19.97 28.19 -19.75
C SER B 72 -20.32 28.79 -21.14
N THR B 73 -19.33 29.36 -21.86
CA THR B 73 -19.55 29.93 -23.19
C THR B 73 -19.77 28.87 -24.28
N ARG B 74 -19.58 27.58 -23.95
CA ARG B 74 -19.70 26.43 -24.86
C ARG B 74 -18.83 26.56 -26.11
N GLU B 75 -17.78 27.38 -26.05
CA GLU B 75 -16.88 27.56 -27.19
C GLU B 75 -15.47 27.01 -26.91
N GLN B 76 -14.78 26.60 -27.98
CA GLN B 76 -13.45 26.04 -27.91
C GLN B 76 -12.41 27.08 -27.52
N ILE B 77 -11.66 26.79 -26.46
CA ILE B 77 -10.61 27.64 -25.93
C ILE B 77 -9.39 27.47 -26.81
N CYS B 78 -8.98 26.22 -27.07
CA CYS B 78 -7.82 25.93 -27.90
C CYS B 78 -7.72 24.42 -28.22
N GLU B 79 -6.69 24.05 -28.95
CA GLU B 79 -6.43 22.67 -29.28
C GLU B 79 -5.13 22.30 -28.58
N VAL B 80 -5.21 21.37 -27.62
CA VAL B 80 -4.06 20.90 -26.87
C VAL B 80 -3.48 19.66 -27.58
N GLU B 81 -2.15 19.46 -27.55
CA GLU B 81 -1.51 18.28 -28.14
C GLU B 81 -2.07 17.01 -27.47
N GLU B 82 -2.37 15.98 -28.27
CA GLU B 82 -2.93 14.76 -27.72
C GLU B 82 -1.87 13.67 -27.66
N GLY B 83 -1.41 13.36 -26.46
CA GLY B 83 -0.38 12.34 -26.29
C GLY B 83 -0.94 10.93 -26.35
N ASP B 84 -0.05 9.97 -26.51
CA ASP B 84 -0.43 8.56 -26.48
C ASP B 84 0.77 7.76 -25.89
N LYS B 85 0.81 6.43 -26.03
CA LYS B 85 1.88 5.58 -25.53
C LYS B 85 3.30 6.10 -25.86
N PRO B 86 3.64 6.46 -27.13
CA PRO B 86 5.02 6.90 -27.41
C PRO B 86 5.42 8.23 -26.76
N ASP B 87 4.46 9.10 -26.46
CA ASP B 87 4.76 10.35 -25.75
C ASP B 87 4.99 10.03 -24.24
N VAL B 88 4.21 9.09 -23.67
CA VAL B 88 4.36 8.61 -22.30
C VAL B 88 5.75 7.95 -22.17
N ASP B 89 6.18 7.15 -23.19
CA ASP B 89 7.49 6.48 -23.20
C ASP B 89 8.64 7.47 -23.23
N LYS B 90 8.46 8.59 -23.91
CA LYS B 90 9.42 9.67 -24.00
C LYS B 90 9.47 10.42 -22.64
N ALA B 91 8.32 10.64 -21.99
CA ALA B 91 8.27 11.30 -20.68
C ALA B 91 8.89 10.43 -19.53
N VAL B 92 8.65 9.10 -19.54
CA VAL B 92 9.18 8.16 -18.55
C VAL B 92 10.69 8.07 -18.68
N GLU B 93 11.21 8.05 -19.92
CA GLU B 93 12.65 8.02 -20.16
C GLU B 93 13.31 9.28 -19.63
N ALA B 94 12.70 10.44 -19.85
CA ALA B 94 13.24 11.71 -19.38
C ALA B 94 13.24 11.75 -17.84
N ALA B 95 12.20 11.17 -17.20
CA ALA B 95 12.08 11.09 -15.74
C ALA B 95 13.10 10.11 -15.16
N GLN B 96 13.41 9.04 -15.88
CA GLN B 96 14.40 8.06 -15.44
C GLN B 96 15.80 8.64 -15.50
N VAL B 97 16.11 9.42 -16.53
CA VAL B 97 17.42 10.05 -16.65
C VAL B 97 17.57 11.13 -15.55
N ALA B 98 16.50 11.85 -15.22
CA ALA B 98 16.57 12.86 -14.15
C ALA B 98 16.74 12.19 -12.74
N PHE B 99 16.30 10.92 -12.59
CA PHE B 99 16.39 10.20 -11.33
C PHE B 99 17.70 9.41 -11.19
N GLN B 100 18.51 9.26 -12.25
CA GLN B 100 19.78 8.53 -12.15
C GLN B 100 20.75 9.13 -11.13
N ARG B 101 21.55 8.26 -10.45
CA ARG B 101 22.59 8.70 -9.50
C ARG B 101 23.55 9.65 -10.21
N GLY B 102 23.91 10.73 -9.54
CA GLY B 102 24.82 11.71 -10.14
C GLY B 102 24.16 12.76 -10.97
N SER B 103 22.84 12.64 -11.18
CA SER B 103 22.11 13.64 -11.94
C SER B 103 22.00 14.90 -11.09
N PRO B 104 21.86 16.07 -11.74
CA PRO B 104 21.70 17.32 -10.97
C PRO B 104 20.60 17.25 -9.90
N TRP B 105 19.45 16.57 -10.21
CA TRP B 105 18.36 16.45 -9.24
C TRP B 105 18.77 15.59 -8.06
N ARG B 106 19.37 14.41 -8.28
CA ARG B 106 19.77 13.54 -7.18
C ARG B 106 20.85 14.09 -6.29
N ARG B 107 21.83 14.79 -6.86
CA ARG B 107 22.96 15.29 -6.07
C ARG B 107 22.63 16.58 -5.30
N LEU B 108 21.47 17.21 -5.58
CA LEU B 108 21.00 18.40 -4.87
C LEU B 108 20.84 18.06 -3.36
N ASP B 109 21.21 18.99 -2.43
CA ASP B 109 21.02 18.70 -1.01
C ASP B 109 19.55 18.84 -0.62
N ALA B 110 19.15 18.13 0.45
CA ALA B 110 17.76 18.16 0.93
C ALA B 110 17.15 19.57 1.04
N LEU B 111 17.90 20.57 1.58
CA LEU B 111 17.34 21.92 1.70
C LEU B 111 17.11 22.61 0.35
N SER B 112 17.88 22.25 -0.70
CA SER B 112 17.68 22.87 -2.01
C SER B 112 16.39 22.44 -2.68
N ARG B 113 15.94 21.17 -2.47
CA ARG B 113 14.63 20.75 -3.01
C ARG B 113 13.50 21.55 -2.37
N GLY B 114 13.62 21.86 -1.09
CA GLY B 114 12.65 22.69 -0.39
C GLY B 114 12.65 24.12 -0.93
N ARG B 115 13.86 24.66 -1.22
CA ARG B 115 14.04 25.99 -1.81
C ARG B 115 13.33 26.06 -3.17
N LEU B 116 13.48 25.03 -4.01
CA LEU B 116 12.79 24.98 -5.30
C LEU B 116 11.27 24.98 -5.15
N LEU B 117 10.74 24.23 -4.18
CA LEU B 117 9.31 24.18 -3.93
C LEU B 117 8.79 25.52 -3.44
N HIS B 118 9.61 26.26 -2.65
CA HIS B 118 9.21 27.60 -2.18
C HIS B 118 9.20 28.58 -3.38
N GLN B 119 10.21 28.47 -4.29
CA GLN B 119 10.30 29.24 -5.54
C GLN B 119 9.06 28.99 -6.43
N LEU B 120 8.59 27.72 -6.54
CA LEU B 120 7.38 27.40 -7.30
C LEU B 120 6.14 28.01 -6.65
N ALA B 121 6.05 27.95 -5.31
CA ALA B 121 4.91 28.55 -4.61
C ALA B 121 4.82 30.06 -4.86
N ASP B 122 5.98 30.76 -4.92
CA ASP B 122 6.06 32.20 -5.20
C ASP B 122 5.55 32.52 -6.61
N LEU B 123 5.89 31.69 -7.60
CA LEU B 123 5.41 31.88 -8.97
C LEU B 123 3.91 31.63 -9.07
N VAL B 124 3.40 30.64 -8.34
CA VAL B 124 1.97 30.35 -8.31
C VAL B 124 1.22 31.50 -7.64
N GLU B 125 1.82 32.20 -6.66
CA GLU B 125 1.19 33.36 -6.02
C GLU B 125 1.22 34.56 -6.99
N ARG B 126 2.35 34.76 -7.70
CA ARG B 126 2.46 35.83 -8.68
C ARG B 126 1.44 35.67 -9.82
N ASP B 127 1.33 34.46 -10.40
CA ASP B 127 0.41 34.18 -11.50
C ASP B 127 -0.90 33.58 -11.05
N ARG B 128 -1.32 33.88 -9.81
CA ARG B 128 -2.54 33.36 -9.18
C ARG B 128 -3.80 33.69 -9.97
N ALA B 129 -3.90 34.90 -10.52
CA ALA B 129 -5.06 35.34 -11.29
C ALA B 129 -5.14 34.62 -12.63
N THR B 130 -3.98 34.43 -13.32
CA THR B 130 -3.92 33.72 -14.59
C THR B 130 -4.36 32.26 -14.40
N LEU B 131 -3.84 31.57 -13.36
CA LEU B 131 -4.17 30.18 -13.03
C LEU B 131 -5.62 30.01 -12.65
N ALA B 132 -6.17 30.94 -11.87
CA ALA B 132 -7.58 30.84 -11.47
C ALA B 132 -8.51 31.12 -12.67
N ALA B 133 -8.08 31.97 -13.61
CA ALA B 133 -8.88 32.26 -14.80
C ALA B 133 -8.85 31.05 -15.72
N LEU B 134 -7.70 30.37 -15.85
CA LEU B 134 -7.61 29.15 -16.65
C LEU B 134 -8.52 28.07 -16.07
N GLU B 135 -8.55 27.95 -14.74
CA GLU B 135 -9.38 26.97 -14.04
C GLU B 135 -10.86 27.26 -14.24
N THR B 136 -11.24 28.55 -14.30
CA THR B 136 -12.65 28.91 -14.52
C THR B 136 -13.04 28.61 -15.96
N MET B 137 -12.17 28.94 -16.92
CA MET B 137 -12.46 28.67 -18.32
C MET B 137 -12.55 27.17 -18.62
N ASP B 138 -11.88 26.32 -17.82
CA ASP B 138 -11.88 24.88 -18.05
C ASP B 138 -12.97 24.15 -17.28
N THR B 139 -13.19 24.49 -16.01
CA THR B 139 -14.17 23.80 -15.18
C THR B 139 -15.53 24.49 -15.06
N GLY B 140 -15.55 25.81 -15.28
CA GLY B 140 -16.76 26.59 -15.11
C GLY B 140 -17.09 26.98 -13.68
N LYS B 141 -16.20 26.67 -12.72
CA LYS B 141 -16.42 27.05 -11.32
C LYS B 141 -16.18 28.57 -11.14
N PRO B 142 -16.90 29.22 -10.22
CA PRO B 142 -16.73 30.68 -10.03
C PRO B 142 -15.28 31.14 -9.88
N PHE B 143 -14.90 32.22 -10.57
CA PHE B 143 -13.54 32.77 -10.50
C PHE B 143 -13.06 33.01 -9.07
N LEU B 144 -13.92 33.55 -8.20
CA LEU B 144 -13.56 33.80 -6.81
C LEU B 144 -13.40 32.51 -5.99
N HIS B 145 -14.05 31.42 -6.41
CA HIS B 145 -13.89 30.13 -5.75
C HIS B 145 -12.53 29.57 -6.12
N ALA B 146 -12.12 29.66 -7.38
CA ALA B 146 -10.83 29.16 -7.82
C ALA B 146 -9.67 30.01 -7.30
N PHE B 147 -9.90 31.29 -7.06
CA PHE B 147 -8.87 32.20 -6.58
C PHE B 147 -8.61 32.02 -5.08
N PHE B 148 -9.68 32.02 -4.28
CA PHE B 148 -9.60 31.97 -2.84
C PHE B 148 -9.70 30.57 -2.22
N ILE B 149 -10.10 29.56 -2.99
CA ILE B 149 -10.18 28.19 -2.46
C ILE B 149 -9.09 27.30 -3.13
N ASP B 150 -9.22 26.96 -4.42
CA ASP B 150 -8.27 26.11 -5.15
C ASP B 150 -6.82 26.63 -5.11
N LEU B 151 -6.60 27.89 -5.52
CA LEU B 151 -5.25 28.43 -5.58
C LEU B 151 -4.64 28.61 -4.20
N GLU B 152 -5.47 28.88 -3.18
CA GLU B 152 -5.02 28.98 -1.80
C GLU B 152 -4.51 27.63 -1.29
N GLY B 153 -5.22 26.56 -1.63
CA GLY B 153 -4.81 25.22 -1.23
C GLY B 153 -3.51 24.78 -1.90
N CYS B 154 -3.33 25.17 -3.17
CA CYS B 154 -2.15 24.87 -3.96
C CYS B 154 -0.94 25.53 -3.32
N ILE B 155 -1.07 26.81 -2.93
CA ILE B 155 0.01 27.57 -2.34
C ILE B 155 0.37 27.02 -0.94
N ARG B 156 -0.63 26.81 -0.08
CA ARG B 156 -0.40 26.23 1.23
C ARG B 156 0.19 24.83 1.18
N THR B 157 -0.19 24.00 0.19
CA THR B 157 0.35 22.65 0.09
C THR B 157 1.80 22.68 -0.34
N LEU B 158 2.13 23.49 -1.35
CA LEU B 158 3.51 23.64 -1.80
C LEU B 158 4.43 24.13 -0.67
N ARG B 159 3.99 25.15 0.10
CA ARG B 159 4.77 25.70 1.20
C ARG B 159 4.96 24.72 2.35
N TYR B 160 3.94 23.91 2.64
CA TYR B 160 3.99 22.91 3.69
C TYR B 160 5.04 21.83 3.36
N PHE B 161 4.97 21.24 2.17
CA PHE B 161 5.91 20.18 1.78
C PHE B 161 7.31 20.69 1.48
N ALA B 162 7.47 21.98 1.15
CA ALA B 162 8.79 22.62 1.00
C ALA B 162 9.55 22.50 2.35
N GLY B 163 8.82 22.57 3.48
CA GLY B 163 9.37 22.42 4.81
C GLY B 163 9.71 21.00 5.22
N TRP B 164 9.19 19.96 4.53
CA TRP B 164 9.52 18.58 4.89
C TRP B 164 10.81 18.09 4.23
N ALA B 165 11.26 18.71 3.13
CA ALA B 165 12.40 18.20 2.37
C ALA B 165 13.65 17.88 3.23
N ASP B 166 14.03 18.73 4.22
CA ASP B 166 15.18 18.40 5.08
C ASP B 166 14.78 17.76 6.43
N LYS B 167 13.55 17.22 6.52
CA LYS B 167 13.06 16.61 7.77
C LYS B 167 12.54 15.16 7.63
N ILE B 168 12.81 14.52 6.48
CA ILE B 168 12.43 13.13 6.21
C ILE B 168 13.50 12.26 6.84
N GLN B 169 13.22 11.75 8.02
CA GLN B 169 14.21 11.01 8.77
C GLN B 169 13.89 9.54 8.92
N GLY B 170 14.89 8.69 8.75
CA GLY B 170 14.73 7.27 9.02
C GLY B 170 15.04 6.98 10.48
N LYS B 171 15.37 5.72 10.81
CA LYS B 171 15.65 5.37 12.21
C LYS B 171 17.02 4.69 12.45
N THR B 172 17.54 4.80 13.68
CA THR B 172 18.70 4.02 14.08
C THR B 172 18.08 3.04 15.08
N ILE B 173 18.25 1.75 14.83
CA ILE B 173 17.58 0.71 15.60
C ILE B 173 18.53 -0.06 16.49
N PRO B 174 18.19 -0.19 17.79
CA PRO B 174 19.07 -0.97 18.69
C PRO B 174 18.85 -2.46 18.51
N THR B 175 19.92 -3.22 18.38
CA THR B 175 19.83 -4.66 18.13
C THR B 175 20.78 -5.38 19.14
N ASP B 176 22.08 -5.55 18.79
CA ASP B 176 23.14 -6.22 19.55
C ASP B 176 24.33 -5.25 19.72
N ASP B 177 25.19 -5.53 20.68
CA ASP B 177 26.38 -4.74 21.00
C ASP B 177 27.33 -4.48 19.80
N ASN B 178 27.49 -5.48 18.95
CA ASN B 178 28.40 -5.42 17.80
C ASN B 178 27.69 -5.22 16.43
N VAL B 179 26.48 -4.66 16.41
CA VAL B 179 25.74 -4.45 15.15
C VAL B 179 25.30 -2.97 15.05
N VAL B 180 25.41 -2.39 13.85
CA VAL B 180 24.91 -1.04 13.60
C VAL B 180 23.75 -1.21 12.60
N CYS B 181 22.52 -0.92 13.03
CA CYS B 181 21.34 -1.07 12.20
C CYS B 181 20.58 0.25 11.99
N PHE B 182 20.24 0.55 10.74
CA PHE B 182 19.49 1.75 10.46
C PHE B 182 18.57 1.64 9.25
N THR B 183 17.59 2.56 9.13
CA THR B 183 16.72 2.63 7.96
C THR B 183 16.91 3.99 7.24
N ARG B 184 16.84 3.96 5.92
CA ARG B 184 16.90 5.15 5.08
C ARG B 184 15.53 5.29 4.40
N HIS B 185 14.99 6.51 4.37
CA HIS B 185 13.72 6.74 3.67
C HIS B 185 14.06 7.33 2.30
N GLU B 186 14.30 6.44 1.34
CA GLU B 186 14.75 6.80 0.00
C GLU B 186 13.58 7.17 -0.94
N PRO B 187 13.80 8.03 -1.96
CA PRO B 187 12.73 8.27 -2.96
C PRO B 187 12.40 6.97 -3.70
N ILE B 188 11.16 6.79 -4.16
CA ILE B 188 10.75 5.58 -4.87
C ILE B 188 11.30 5.59 -6.30
N GLY B 189 11.27 6.75 -6.95
CA GLY B 189 11.71 6.86 -8.34
C GLY B 189 10.76 7.69 -9.18
N VAL B 190 10.30 7.12 -10.30
CA VAL B 190 9.37 7.78 -11.23
C VAL B 190 7.92 7.61 -10.78
N CYS B 191 7.25 8.70 -10.57
CA CYS B 191 5.89 8.74 -10.09
C CYS B 191 4.99 9.24 -11.16
N GLY B 192 3.94 8.51 -11.40
CA GLY B 192 2.91 8.93 -12.32
C GLY B 192 1.76 9.51 -11.51
N ALA B 193 1.18 10.60 -11.98
CA ALA B 193 0.01 11.20 -11.32
C ALA B 193 -1.13 11.31 -12.35
N ILE B 194 -2.34 10.92 -11.94
CA ILE B 194 -3.53 10.93 -12.79
C ILE B 194 -4.61 11.64 -11.99
N THR B 195 -5.01 12.84 -12.44
CA THR B 195 -5.95 13.68 -11.69
C THR B 195 -7.34 13.82 -12.34
N PRO B 196 -8.34 14.28 -11.54
CA PRO B 196 -9.71 14.42 -12.09
C PRO B 196 -10.03 15.82 -12.64
N TRP B 197 -11.26 16.00 -13.15
CA TRP B 197 -11.70 17.27 -13.71
C TRP B 197 -12.27 18.29 -12.70
N ASN B 198 -12.73 17.86 -11.49
CA ASN B 198 -13.39 18.77 -10.55
C ASN B 198 -12.44 19.77 -9.85
N PHE B 199 -11.21 19.35 -9.47
CA PHE B 199 -10.20 20.24 -8.83
C PHE B 199 -8.90 19.92 -9.52
N PRO B 200 -8.75 20.37 -10.79
CA PRO B 200 -7.58 19.93 -11.57
C PRO B 200 -6.22 20.26 -10.95
N LEU B 201 -5.93 21.53 -10.71
CA LEU B 201 -4.65 21.98 -10.20
C LEU B 201 -4.41 21.56 -8.76
N LEU B 202 -5.43 21.65 -7.88
CA LEU B 202 -5.28 21.25 -6.47
C LEU B 202 -4.93 19.75 -6.33
N MET B 203 -5.65 18.86 -7.03
CA MET B 203 -5.34 17.42 -6.96
C MET B 203 -3.99 17.09 -7.50
N LEU B 204 -3.50 17.91 -8.45
CA LEU B 204 -2.19 17.77 -9.04
C LEU B 204 -1.14 18.16 -7.99
N VAL B 205 -1.35 19.25 -7.29
CA VAL B 205 -0.43 19.77 -6.28
C VAL B 205 -0.34 18.82 -5.08
N TRP B 206 -1.44 18.20 -4.69
CA TRP B 206 -1.46 17.23 -3.59
C TRP B 206 -0.51 16.06 -3.85
N LYS B 207 -0.27 15.70 -5.10
CA LYS B 207 0.64 14.63 -5.45
C LYS B 207 2.04 15.17 -5.70
N LEU B 208 2.14 16.29 -6.40
CA LEU B 208 3.42 16.85 -6.80
C LEU B 208 4.24 17.37 -5.62
N ALA B 209 3.61 18.11 -4.70
CA ALA B 209 4.32 18.62 -3.53
C ALA B 209 5.08 17.54 -2.71
N PRO B 210 4.48 16.42 -2.22
CA PRO B 210 5.29 15.42 -1.50
C PRO B 210 6.24 14.61 -2.38
N ALA B 211 5.88 14.36 -3.65
CA ALA B 211 6.77 13.62 -4.55
C ALA B 211 8.12 14.35 -4.78
N LEU B 212 8.07 15.66 -5.07
CA LEU B 212 9.25 16.47 -5.32
C LEU B 212 10.00 16.71 -4.03
N CYS B 213 9.28 16.95 -2.93
CA CYS B 213 9.96 17.12 -1.63
C CYS B 213 10.71 15.84 -1.21
N CYS B 214 10.23 14.66 -1.62
CA CYS B 214 10.93 13.40 -1.32
C CYS B 214 12.05 13.06 -2.33
N GLY B 215 12.22 13.87 -3.38
CA GLY B 215 13.26 13.63 -4.38
C GLY B 215 12.90 12.70 -5.51
N ASN B 216 11.60 12.57 -5.83
CA ASN B 216 11.19 11.70 -6.95
C ASN B 216 11.15 12.51 -8.26
N THR B 217 10.94 11.82 -9.38
CA THR B 217 10.67 12.43 -10.68
C THR B 217 9.23 12.03 -11.09
N MET B 218 8.61 12.82 -11.95
CA MET B 218 7.20 12.66 -12.24
C MET B 218 6.79 12.71 -13.68
N VAL B 219 5.70 12.02 -14.00
CA VAL B 219 4.99 12.00 -15.27
C VAL B 219 3.52 12.24 -14.90
N LEU B 220 2.99 13.41 -15.23
CA LEU B 220 1.63 13.84 -14.91
C LEU B 220 0.69 13.71 -16.12
N LYS B 221 -0.57 13.34 -15.86
CA LYS B 221 -1.62 13.31 -16.87
C LYS B 221 -2.85 14.05 -16.30
N PRO B 222 -3.06 15.31 -16.72
CA PRO B 222 -4.28 16.02 -16.29
C PRO B 222 -5.52 15.37 -16.89
N ALA B 223 -6.71 15.64 -16.33
CA ALA B 223 -7.96 15.11 -16.90
C ALA B 223 -8.11 15.58 -18.35
N GLU B 224 -8.70 14.77 -19.24
CA GLU B 224 -8.89 15.18 -20.65
C GLU B 224 -9.74 16.44 -20.75
N GLN B 225 -10.71 16.60 -19.85
CA GLN B 225 -11.63 17.73 -19.76
C GLN B 225 -10.98 19.04 -19.30
N THR B 226 -9.92 18.96 -18.44
CA THR B 226 -9.31 20.15 -17.83
C THR B 226 -7.75 20.14 -17.83
N PRO B 227 -7.10 20.33 -18.99
CA PRO B 227 -5.62 20.28 -19.02
C PRO B 227 -4.84 21.60 -18.98
N LEU B 228 -5.53 22.74 -18.99
CA LEU B 228 -4.84 24.04 -19.09
C LEU B 228 -4.01 24.46 -17.84
N THR B 229 -4.53 24.33 -16.60
CA THR B 229 -3.72 24.71 -15.42
C THR B 229 -2.44 23.84 -15.27
N ALA B 230 -2.53 22.53 -15.57
CA ALA B 230 -1.38 21.64 -15.52
C ALA B 230 -0.31 22.09 -16.49
N LEU B 231 -0.70 22.53 -17.69
CA LEU B 231 0.26 22.99 -18.68
C LEU B 231 0.87 24.31 -18.28
N TYR B 232 0.09 25.21 -17.70
CA TYR B 232 0.61 26.47 -17.19
C TYR B 232 1.65 26.22 -16.09
N LEU B 233 1.35 25.28 -15.16
CA LEU B 233 2.26 24.90 -14.08
C LEU B 233 3.61 24.48 -14.60
N GLY B 234 3.62 23.78 -15.73
CA GLY B 234 4.86 23.36 -16.39
C GLY B 234 5.78 24.52 -16.73
N SER B 235 5.23 25.65 -17.20
CA SER B 235 6.07 26.81 -17.50
C SER B 235 6.69 27.36 -16.20
N LEU B 236 5.91 27.36 -15.09
CA LEU B 236 6.34 27.80 -13.77
C LEU B 236 7.41 26.90 -13.20
N ILE B 237 7.31 25.60 -13.45
CA ILE B 237 8.28 24.61 -13.02
C ILE B 237 9.63 24.84 -13.72
N LYS B 238 9.62 25.29 -14.98
CA LYS B 238 10.84 25.57 -15.70
C LYS B 238 11.45 26.87 -15.15
N GLU B 239 10.62 27.90 -14.99
CA GLU B 239 11.03 29.18 -14.44
C GLU B 239 11.63 29.06 -13.04
N ALA B 240 11.03 28.21 -12.19
CA ALA B 240 11.49 28.01 -10.82
C ALA B 240 12.89 27.43 -10.73
N GLY B 241 13.34 26.73 -11.75
CA GLY B 241 14.69 26.20 -11.77
C GLY B 241 14.81 24.70 -11.66
N PHE B 242 13.67 23.96 -11.63
CA PHE B 242 13.74 22.49 -11.54
C PHE B 242 14.49 21.91 -12.74
N PRO B 243 15.45 20.99 -12.50
CA PRO B 243 16.20 20.41 -13.63
C PRO B 243 15.30 19.74 -14.67
N PRO B 244 15.71 19.62 -15.95
CA PRO B 244 14.84 18.96 -16.94
C PRO B 244 14.56 17.49 -16.63
N GLY B 245 13.34 17.04 -16.88
CA GLY B 245 12.96 15.66 -16.64
C GLY B 245 12.35 15.38 -15.27
N VAL B 246 12.44 16.34 -14.32
CA VAL B 246 11.93 16.17 -12.97
C VAL B 246 10.42 16.15 -13.00
N VAL B 247 9.79 17.06 -13.76
CA VAL B 247 8.34 17.05 -13.95
C VAL B 247 8.08 16.97 -15.45
N ASN B 248 7.32 15.96 -15.93
CA ASN B 248 6.95 15.85 -17.35
C ASN B 248 5.42 15.75 -17.43
N ILE B 249 4.79 16.48 -18.36
CA ILE B 249 3.34 16.54 -18.45
C ILE B 249 2.82 16.04 -19.81
N VAL B 250 1.93 15.05 -19.79
CA VAL B 250 1.39 14.47 -21.01
C VAL B 250 -0.11 14.52 -21.03
N PRO B 251 -0.68 15.54 -21.70
CA PRO B 251 -2.14 15.59 -21.83
C PRO B 251 -2.65 14.45 -22.72
N GLY B 252 -3.90 14.05 -22.53
CA GLY B 252 -4.47 12.96 -23.29
C GLY B 252 -5.67 12.31 -22.64
N PHE B 253 -6.10 11.15 -23.17
CA PHE B 253 -7.28 10.43 -22.66
C PHE B 253 -6.92 9.28 -21.71
N GLY B 254 -7.89 8.84 -20.92
CA GLY B 254 -7.72 7.72 -20.01
C GLY B 254 -7.28 6.43 -20.66
N PRO B 255 -8.07 5.88 -21.61
CA PRO B 255 -7.70 4.62 -22.25
C PRO B 255 -6.36 4.60 -23.01
N THR B 256 -5.81 5.79 -23.31
CA THR B 256 -4.56 5.89 -24.04
C THR B 256 -3.40 6.32 -23.12
N VAL B 257 -3.36 7.58 -22.64
CA VAL B 257 -2.29 8.08 -21.78
C VAL B 257 -2.35 7.47 -20.39
N GLY B 258 -3.53 7.41 -19.80
CA GLY B 258 -3.72 6.87 -18.47
C GLY B 258 -3.35 5.40 -18.40
N ALA B 259 -3.80 4.61 -19.40
CA ALA B 259 -3.51 3.19 -19.45
C ALA B 259 -2.01 2.94 -19.58
N ALA B 260 -1.33 3.76 -20.38
CA ALA B 260 0.10 3.64 -20.58
C ALA B 260 0.90 3.95 -19.30
N ILE B 261 0.42 4.88 -18.49
CA ILE B 261 1.07 5.22 -17.23
C ILE B 261 0.85 4.06 -16.23
N SER B 262 -0.35 3.50 -16.19
CA SER B 262 -0.71 2.43 -15.27
C SER B 262 0.07 1.15 -15.47
N SER B 263 0.35 0.83 -16.73
CA SER B 263 1.05 -0.36 -17.16
C SER B 263 2.52 -0.18 -17.41
N HIS B 264 3.04 1.03 -17.36
CA HIS B 264 4.45 1.26 -17.65
C HIS B 264 5.42 0.47 -16.72
N PRO B 265 6.28 -0.36 -17.33
CA PRO B 265 7.26 -1.14 -16.53
C PRO B 265 8.34 -0.29 -15.85
N GLN B 266 8.46 0.99 -16.20
CA GLN B 266 9.46 1.84 -15.59
C GLN B 266 8.92 2.94 -14.71
N ILE B 267 7.59 2.91 -14.44
CA ILE B 267 6.99 3.80 -13.48
C ILE B 267 6.94 2.99 -12.15
N ASN B 268 7.50 3.53 -11.09
CA ASN B 268 7.60 2.87 -9.80
C ASN B 268 6.38 3.12 -8.88
N LYS B 269 5.69 4.22 -9.08
CA LYS B 269 4.58 4.58 -8.22
C LYS B 269 3.55 5.37 -9.00
N ILE B 270 2.29 5.17 -8.72
CA ILE B 270 1.23 5.98 -9.33
C ILE B 270 0.26 6.52 -8.24
N ALA B 271 -0.16 7.78 -8.37
CA ALA B 271 -1.16 8.38 -7.50
C ALA B 271 -2.36 8.69 -8.40
N PHE B 272 -3.57 8.25 -8.03
CA PHE B 272 -4.80 8.47 -8.78
C PHE B 272 -5.90 9.08 -7.93
N THR B 273 -6.57 10.13 -8.43
CA THR B 273 -7.78 10.72 -7.84
C THR B 273 -8.90 10.59 -8.89
N GLY B 274 -10.03 10.04 -8.49
CA GLY B 274 -11.14 9.82 -9.41
C GLY B 274 -12.17 8.85 -8.87
N SER B 275 -12.81 8.06 -9.75
CA SER B 275 -13.85 7.11 -9.31
C SER B 275 -13.31 5.74 -8.85
N THR B 276 -14.09 5.04 -8.02
CA THR B 276 -13.75 3.71 -7.51
C THR B 276 -13.57 2.72 -8.69
N GLU B 277 -14.42 2.83 -9.69
CA GLU B 277 -14.35 1.93 -10.85
C GLU B 277 -13.04 2.13 -11.63
N VAL B 278 -12.65 3.38 -11.93
CA VAL B 278 -11.41 3.63 -12.65
C VAL B 278 -10.18 3.31 -11.75
N GLY B 279 -10.28 3.59 -10.45
CA GLY B 279 -9.23 3.28 -9.48
C GLY B 279 -8.92 1.80 -9.41
N LYS B 280 -9.96 0.95 -9.58
CA LYS B 280 -9.77 -0.50 -9.59
C LYS B 280 -9.02 -0.90 -10.83
N LEU B 281 -9.35 -0.31 -12.00
CA LEU B 281 -8.64 -0.63 -13.24
C LEU B 281 -7.17 -0.25 -13.13
N VAL B 282 -6.88 0.94 -12.55
CA VAL B 282 -5.52 1.45 -12.36
C VAL B 282 -4.72 0.52 -11.45
N LYS B 283 -5.27 0.12 -10.31
CA LYS B 283 -4.59 -0.78 -9.40
C LYS B 283 -4.40 -2.18 -10.00
N GLU B 284 -5.37 -2.65 -10.79
CA GLU B 284 -5.24 -3.99 -11.43
C GLU B 284 -4.12 -3.99 -12.46
N ALA B 285 -4.04 -2.94 -13.29
CA ALA B 285 -3.01 -2.76 -14.33
C ALA B 285 -1.63 -2.61 -13.69
N ALA B 286 -1.55 -1.94 -12.52
CA ALA B 286 -0.29 -1.75 -11.83
C ALA B 286 0.23 -3.08 -11.30
N SER B 287 -0.66 -3.92 -10.76
CA SER B 287 -0.29 -5.22 -10.25
C SER B 287 0.09 -6.17 -11.39
N ARG B 288 -0.58 -6.05 -12.55
CA ARG B 288 -0.34 -6.88 -13.71
C ARG B 288 1.01 -6.61 -14.34
N SER B 289 1.49 -5.36 -14.30
CA SER B 289 2.76 -5.02 -14.90
C SER B 289 3.97 -5.25 -13.96
N ASN B 290 4.34 -4.30 -13.12
CA ASN B 290 5.57 -4.37 -12.33
C ASN B 290 5.39 -4.16 -10.83
N LEU B 291 4.15 -4.27 -10.32
CA LEU B 291 3.85 -4.11 -8.91
C LEU B 291 4.25 -2.74 -8.40
N LYS B 292 3.97 -1.70 -9.22
CA LYS B 292 4.23 -0.33 -8.82
C LYS B 292 3.29 0.02 -7.65
N ARG B 293 3.75 0.88 -6.72
CA ARG B 293 2.94 1.29 -5.57
C ARG B 293 1.82 2.23 -6.01
N VAL B 294 0.60 2.08 -5.44
CA VAL B 294 -0.56 2.86 -5.88
C VAL B 294 -1.30 3.50 -4.75
N THR B 295 -1.42 4.81 -4.76
CA THR B 295 -2.23 5.56 -3.82
C THR B 295 -3.55 5.87 -4.57
N LEU B 296 -4.69 5.73 -3.93
CA LEU B 296 -5.99 5.98 -4.58
C LEU B 296 -6.83 6.86 -3.71
N GLU B 297 -7.43 7.90 -4.30
CA GLU B 297 -8.34 8.79 -3.58
C GLU B 297 -9.61 8.71 -4.39
N LEU B 298 -10.61 8.03 -3.85
CA LEU B 298 -11.82 7.72 -4.61
C LEU B 298 -13.07 8.39 -4.00
N GLY B 299 -14.27 7.91 -4.33
CA GLY B 299 -15.49 8.52 -3.80
C GLY B 299 -15.89 7.99 -2.44
N GLY B 300 -17.07 8.37 -2.03
CA GLY B 300 -17.62 7.95 -0.77
C GLY B 300 -19.12 8.17 -0.72
N LYS B 301 -19.76 7.70 0.35
CA LYS B 301 -21.21 7.90 0.56
C LYS B 301 -21.24 8.54 1.92
N ASN B 302 -20.73 9.77 1.97
CA ASN B 302 -20.45 10.52 3.18
C ASN B 302 -21.66 10.95 3.99
N PRO B 303 -21.76 10.45 5.23
CA PRO B 303 -22.86 10.89 6.09
C PRO B 303 -22.59 12.17 6.90
N CYS B 304 -23.68 12.84 7.22
N CYS B 304 -23.67 12.85 7.29
CA CYS B 304 -23.75 13.99 8.11
CA CYS B 304 -23.64 14.08 8.10
C CYS B 304 -24.62 13.52 9.26
C CYS B 304 -24.66 13.88 9.25
N ILE B 305 -24.17 13.66 10.48
CA ILE B 305 -24.97 13.32 11.66
C ILE B 305 -25.24 14.54 12.52
N VAL B 306 -26.53 14.88 12.65
CA VAL B 306 -26.99 16.03 13.42
C VAL B 306 -27.72 15.54 14.65
N CYS B 307 -27.15 15.76 15.82
CA CYS B 307 -27.76 15.37 17.08
C CYS B 307 -28.78 16.39 17.57
N ALA B 308 -29.68 15.98 18.50
CA ALA B 308 -30.71 16.90 19.03
C ALA B 308 -30.12 18.10 19.74
N ASP B 309 -28.88 17.98 20.26
CA ASP B 309 -28.23 19.07 20.98
C ASP B 309 -27.26 19.91 20.12
N ALA B 310 -27.31 19.77 18.80
CA ALA B 310 -26.47 20.54 17.91
C ALA B 310 -26.83 22.04 17.93
N ASP B 311 -25.93 22.93 17.41
CA ASP B 311 -26.25 24.34 17.18
C ASP B 311 -26.92 24.18 15.82
N LEU B 312 -28.25 24.22 15.79
CA LEU B 312 -29.00 23.92 14.60
C LEU B 312 -28.70 24.83 13.38
N ASP B 313 -28.39 26.11 13.60
CA ASP B 313 -28.06 26.99 12.47
C ASP B 313 -26.69 26.66 11.87
N LEU B 314 -25.74 26.19 12.71
CA LEU B 314 -24.41 25.77 12.25
C LEU B 314 -24.55 24.51 11.38
N ALA B 315 -25.31 23.51 11.86
CA ALA B 315 -25.50 22.24 11.19
C ALA B 315 -26.22 22.40 9.87
N VAL B 316 -27.25 23.24 9.83
CA VAL B 316 -27.99 23.51 8.61
C VAL B 316 -27.08 24.13 7.54
N GLU B 317 -26.31 25.12 7.94
CA GLU B 317 -25.42 25.82 7.01
C GLU B 317 -24.23 24.96 6.55
N CYS B 318 -23.68 24.10 7.43
CA CYS B 318 -22.57 23.20 7.10
C CYS B 318 -23.05 22.05 6.24
N ALA B 319 -24.21 21.45 6.57
CA ALA B 319 -24.75 20.36 5.75
C ALA B 319 -25.17 20.89 4.38
N HIS B 320 -25.56 22.18 4.28
CA HIS B 320 -25.93 22.83 3.04
C HIS B 320 -24.67 22.95 2.18
N GLN B 321 -23.59 23.53 2.73
CA GLN B 321 -22.35 23.66 1.99
C GLN B 321 -21.77 22.29 1.60
N GLY B 322 -21.94 21.31 2.47
CA GLY B 322 -21.50 19.94 2.24
C GLY B 322 -22.20 19.25 1.10
N VAL B 323 -23.48 19.56 0.89
CA VAL B 323 -24.25 18.95 -0.19
C VAL B 323 -24.15 19.75 -1.50
N PHE B 324 -24.24 21.08 -1.44
CA PHE B 324 -24.30 21.91 -2.63
C PHE B 324 -22.98 22.57 -3.10
N PHE B 325 -21.86 22.47 -2.36
CA PHE B 325 -20.60 23.10 -2.79
C PHE B 325 -20.08 22.49 -4.09
N ASN B 326 -19.62 23.35 -5.00
CA ASN B 326 -19.10 22.95 -6.31
C ASN B 326 -20.11 22.08 -7.07
N GLN B 327 -21.39 22.46 -6.96
CA GLN B 327 -22.51 21.80 -7.59
C GLN B 327 -22.70 20.35 -7.13
N GLY B 328 -22.25 20.03 -5.92
CA GLY B 328 -22.28 18.66 -5.38
C GLY B 328 -21.24 17.75 -6.02
N GLN B 329 -20.36 18.30 -6.87
CA GLN B 329 -19.32 17.56 -7.62
C GLN B 329 -17.99 17.59 -6.88
N CYS B 330 -17.99 17.02 -5.67
N CYS B 330 -18.01 17.02 -5.66
CA CYS B 330 -16.81 16.97 -4.82
CA CYS B 330 -16.89 16.92 -4.74
C CYS B 330 -16.80 15.63 -4.10
C CYS B 330 -16.83 15.51 -4.21
N CYS B 331 -15.63 15.02 -3.93
CA CYS B 331 -15.47 13.72 -3.29
C CYS B 331 -15.94 13.76 -1.81
N THR B 332 -15.84 14.94 -1.16
CA THR B 332 -16.29 15.15 0.21
C THR B 332 -17.78 15.46 0.36
N ALA B 333 -18.54 15.56 -0.75
CA ALA B 333 -19.98 15.85 -0.68
C ALA B 333 -20.75 14.92 0.27
N ALA B 334 -21.64 15.51 1.08
CA ALA B 334 -22.50 14.76 1.98
C ALA B 334 -23.59 14.16 1.12
N SER B 335 -23.80 12.85 1.23
CA SER B 335 -24.86 12.19 0.44
C SER B 335 -25.99 11.59 1.31
N ARG B 336 -25.87 11.68 2.65
N ARG B 336 -25.85 11.66 2.64
CA ARG B 336 -26.89 11.17 3.58
CA ARG B 336 -26.81 11.15 3.61
C ARG B 336 -26.84 12.06 4.81
C ARG B 336 -26.78 12.14 4.77
N VAL B 337 -27.90 12.81 5.10
CA VAL B 337 -27.92 13.73 6.24
C VAL B 337 -28.81 13.10 7.29
N PHE B 338 -28.26 12.51 8.36
CA PHE B 338 -29.04 11.90 9.42
C PHE B 338 -29.35 12.93 10.49
N VAL B 339 -30.64 13.08 10.85
CA VAL B 339 -31.06 14.05 11.85
C VAL B 339 -31.90 13.38 12.93
N GLU B 340 -31.55 13.63 14.20
CA GLU B 340 -32.30 13.09 15.31
C GLU B 340 -33.77 13.58 15.28
N GLU B 341 -34.72 12.67 15.55
CA GLU B 341 -36.17 12.97 15.47
C GLU B 341 -36.61 14.31 16.12
N GLN B 342 -36.00 14.72 17.28
CA GLN B 342 -36.33 15.96 18.03
C GLN B 342 -36.11 17.22 17.26
N VAL B 343 -35.18 17.21 16.32
CA VAL B 343 -34.89 18.41 15.52
C VAL B 343 -35.15 18.22 14.03
N TYR B 344 -35.58 17.02 13.62
CA TYR B 344 -35.89 16.65 12.26
C TYR B 344 -36.70 17.67 11.46
N SER B 345 -37.96 17.99 11.90
CA SER B 345 -38.84 18.88 11.15
C SER B 345 -38.31 20.28 11.01
N GLU B 346 -37.64 20.77 12.05
CA GLU B 346 -37.08 22.11 12.03
C GLU B 346 -35.84 22.16 11.17
N PHE B 347 -35.01 21.08 11.20
CA PHE B 347 -33.82 20.97 10.34
C PHE B 347 -34.28 20.98 8.88
N VAL B 348 -35.27 20.13 8.52
CA VAL B 348 -35.83 20.10 7.15
C VAL B 348 -36.35 21.51 6.75
N ARG B 349 -37.15 22.17 7.62
CA ARG B 349 -37.68 23.51 7.34
C ARG B 349 -36.58 24.56 7.07
N ARG B 350 -35.56 24.65 7.95
CA ARG B 350 -34.47 25.59 7.76
C ARG B 350 -33.58 25.25 6.57
N SER B 351 -33.45 23.96 6.25
CA SER B 351 -32.64 23.54 5.10
C SER B 351 -33.34 23.93 3.82
N VAL B 352 -34.68 23.77 3.76
CA VAL B 352 -35.49 24.16 2.60
C VAL B 352 -35.38 25.67 2.36
N GLU B 353 -35.48 26.47 3.41
CA GLU B 353 -35.35 27.92 3.30
C GLU B 353 -33.96 28.31 2.81
N TYR B 354 -32.92 27.71 3.38
CA TYR B 354 -31.53 27.98 3.03
C TYR B 354 -31.25 27.65 1.55
N ALA B 355 -31.77 26.53 1.06
CA ALA B 355 -31.58 26.11 -0.32
C ALA B 355 -32.27 27.03 -1.34
N LYS B 356 -33.36 27.71 -0.95
CA LYS B 356 -34.10 28.59 -1.86
C LYS B 356 -33.39 29.90 -2.14
N LYS B 357 -32.64 30.41 -1.16
CA LYS B 357 -31.94 31.68 -1.32
C LYS B 357 -30.57 31.55 -2.01
N ARG B 358 -30.16 30.33 -2.46
CA ARG B 358 -28.85 30.10 -3.07
C ARG B 358 -28.68 30.64 -4.53
N PRO B 359 -27.74 31.60 -4.72
CA PRO B 359 -27.53 32.17 -6.07
C PRO B 359 -26.73 31.31 -7.05
N VAL B 360 -27.38 30.84 -8.12
CA VAL B 360 -26.79 30.00 -9.16
C VAL B 360 -26.69 30.78 -10.48
N GLY B 361 -25.57 30.67 -11.20
CA GLY B 361 -25.40 31.38 -12.47
C GLY B 361 -24.00 31.47 -13.05
N ASP B 362 -23.68 32.64 -13.65
CA ASP B 362 -22.41 32.99 -14.32
C ASP B 362 -21.20 32.89 -13.40
N PRO B 363 -20.19 32.08 -13.77
CA PRO B 363 -19.01 31.92 -12.90
C PRO B 363 -18.18 33.18 -12.61
N PHE B 364 -17.87 33.97 -13.65
CA PHE B 364 -17.10 35.20 -13.47
C PHE B 364 -17.87 36.29 -12.67
N ASP B 365 -19.21 36.14 -12.52
CA ASP B 365 -20.04 37.08 -11.77
C ASP B 365 -19.85 36.87 -10.25
N VAL B 366 -19.37 37.92 -9.55
CA VAL B 366 -19.06 37.98 -8.11
C VAL B 366 -20.13 37.35 -7.19
N LYS B 367 -21.41 37.58 -7.50
CA LYS B 367 -22.52 37.09 -6.68
C LYS B 367 -22.78 35.57 -6.76
N THR B 368 -22.23 34.91 -7.77
CA THR B 368 -22.45 33.48 -7.99
C THR B 368 -21.84 32.55 -6.94
N GLU B 369 -22.70 31.73 -6.33
CA GLU B 369 -22.30 30.72 -5.37
C GLU B 369 -22.18 29.31 -6.02
N GLN B 370 -22.85 29.10 -7.18
CA GLN B 370 -22.82 27.80 -7.85
C GLN B 370 -22.92 27.93 -9.37
N GLY B 371 -21.80 27.73 -10.07
CA GLY B 371 -21.77 27.75 -11.53
C GLY B 371 -22.50 26.56 -12.14
N PRO B 372 -22.17 26.19 -13.39
CA PRO B 372 -22.87 25.05 -14.02
C PRO B 372 -22.31 23.68 -13.67
N GLN B 373 -23.01 22.61 -14.08
CA GLN B 373 -22.54 21.23 -13.89
C GLN B 373 -21.46 20.95 -14.94
N ILE B 374 -20.82 19.77 -14.88
CA ILE B 374 -19.74 19.44 -15.82
C ILE B 374 -20.19 18.83 -17.14
N ASP B 375 -21.08 17.81 -17.11
CA ASP B 375 -21.45 17.10 -18.35
C ASP B 375 -22.91 16.60 -18.43
N GLN B 376 -23.33 16.17 -19.64
CA GLN B 376 -24.66 15.65 -19.95
C GLN B 376 -24.94 14.34 -19.21
N LYS B 377 -23.96 13.43 -19.17
CA LYS B 377 -24.12 12.19 -18.39
C LYS B 377 -24.06 12.60 -16.91
N GLN B 378 -24.67 11.81 -16.04
CA GLN B 378 -24.76 12.14 -14.61
C GLN B 378 -25.85 13.19 -14.40
N PHE B 379 -25.96 14.22 -15.28
CA PHE B 379 -27.05 15.21 -15.22
C PHE B 379 -28.38 14.46 -15.40
N ASP B 380 -28.42 13.52 -16.35
CA ASP B 380 -29.59 12.69 -16.61
C ASP B 380 -29.80 11.68 -15.46
N LYS B 381 -28.71 11.13 -14.91
CA LYS B 381 -28.76 10.18 -13.81
C LYS B 381 -29.24 10.83 -12.50
N ILE B 382 -28.98 12.15 -12.33
CA ILE B 382 -29.41 12.92 -11.15
C ILE B 382 -30.91 13.09 -11.23
N LEU B 383 -31.44 13.49 -12.39
CA LEU B 383 -32.88 13.64 -12.55
C LEU B 383 -33.60 12.28 -12.45
N GLU B 384 -32.93 11.20 -12.85
CA GLU B 384 -33.46 9.85 -12.73
C GLU B 384 -33.45 9.40 -11.25
N LEU B 385 -32.46 9.87 -10.45
CA LEU B 385 -32.40 9.59 -9.02
C LEU B 385 -33.50 10.38 -8.31
N ILE B 386 -33.69 11.64 -8.68
CA ILE B 386 -34.76 12.52 -8.20
C ILE B 386 -36.13 11.86 -8.43
N GLU B 387 -36.37 11.33 -9.66
CA GLU B 387 -37.63 10.65 -9.93
C GLU B 387 -37.78 9.36 -9.14
N SER B 388 -36.67 8.66 -8.93
CA SER B 388 -36.63 7.44 -8.12
C SER B 388 -37.04 7.71 -6.66
N GLY B 389 -36.71 8.90 -6.16
CA GLY B 389 -37.06 9.30 -4.79
C GLY B 389 -38.55 9.47 -4.61
N LYS B 390 -39.19 10.16 -5.57
CA LYS B 390 -40.63 10.36 -5.56
C LYS B 390 -41.37 9.03 -5.60
N LYS B 391 -40.93 8.10 -6.47
CA LYS B 391 -41.60 6.82 -6.60
C LYS B 391 -41.32 5.86 -5.43
N GLU B 392 -40.16 6.01 -4.76
CA GLU B 392 -39.86 5.11 -3.64
C GLU B 392 -40.54 5.52 -2.32
N GLY B 393 -41.10 6.73 -2.25
CA GLY B 393 -41.82 7.17 -1.07
C GLY B 393 -41.26 8.37 -0.33
N ALA B 394 -40.18 8.98 -0.86
CA ALA B 394 -39.59 10.15 -0.21
C ALA B 394 -40.43 11.38 -0.51
N LYS B 395 -40.33 12.40 0.35
CA LYS B 395 -41.08 13.64 0.16
C LYS B 395 -40.19 14.70 -0.47
N LEU B 396 -40.51 15.14 -1.69
CA LEU B 396 -39.75 16.20 -2.33
C LEU B 396 -40.19 17.50 -1.64
N GLU B 397 -39.24 18.21 -1.04
CA GLU B 397 -39.55 19.42 -0.29
C GLU B 397 -39.36 20.70 -1.09
N CYS B 398 -38.46 20.69 -2.08
CA CYS B 398 -38.15 21.82 -2.95
C CYS B 398 -37.25 21.37 -4.12
N GLY B 399 -37.13 22.19 -5.18
CA GLY B 399 -36.36 21.86 -6.37
C GLY B 399 -36.89 20.62 -7.05
N GLY B 400 -36.01 19.81 -7.62
CA GLY B 400 -36.41 18.56 -8.26
C GLY B 400 -36.54 18.57 -9.77
N SER B 401 -35.86 19.53 -10.43
CA SER B 401 -35.88 19.67 -11.89
C SER B 401 -34.79 20.66 -12.38
N ALA B 402 -34.59 20.74 -13.71
CA ALA B 402 -33.61 21.63 -14.35
C ALA B 402 -33.97 23.12 -14.16
N MET B 403 -32.99 24.03 -14.38
CA MET B 403 -33.19 25.47 -14.16
C MET B 403 -33.75 26.24 -15.39
N GLU B 404 -32.94 26.47 -16.44
CA GLU B 404 -33.37 27.21 -17.64
C GLU B 404 -32.53 26.78 -18.83
N ASP B 405 -33.14 26.03 -19.80
CA ASP B 405 -32.57 25.40 -21.01
C ASP B 405 -31.60 26.29 -21.87
N LYS B 406 -30.40 26.50 -21.35
CA LYS B 406 -29.26 27.24 -21.93
C LYS B 406 -28.02 27.00 -21.04
N GLY B 407 -27.87 25.76 -20.58
CA GLY B 407 -26.82 25.31 -19.68
C GLY B 407 -27.36 24.24 -18.75
N LEU B 408 -26.50 23.29 -18.36
CA LEU B 408 -26.92 22.22 -17.47
C LEU B 408 -26.79 22.62 -16.01
N PHE B 409 -27.89 23.08 -15.43
CA PHE B 409 -27.97 23.50 -14.03
C PHE B 409 -29.16 22.82 -13.40
N ILE B 410 -29.02 22.33 -12.17
CA ILE B 410 -30.15 21.73 -11.46
C ILE B 410 -30.58 22.66 -10.33
N LYS B 411 -31.87 22.68 -10.01
CA LYS B 411 -32.36 23.51 -8.92
C LYS B 411 -32.08 22.75 -7.62
N PRO B 412 -31.46 23.41 -6.62
CA PRO B 412 -31.16 22.75 -5.34
C PRO B 412 -32.34 22.00 -4.76
N THR B 413 -32.19 20.70 -4.64
CA THR B 413 -33.24 19.78 -4.25
C THR B 413 -33.05 19.29 -2.82
N VAL B 414 -34.18 19.10 -2.07
CA VAL B 414 -34.16 18.59 -0.71
C VAL B 414 -35.23 17.52 -0.55
N PHE B 415 -34.86 16.30 -0.15
CA PHE B 415 -35.83 15.24 0.08
C PHE B 415 -35.94 14.92 1.58
N SER B 416 -37.16 14.82 2.11
CA SER B 416 -37.36 14.38 3.49
C SER B 416 -38.00 12.99 3.46
N GLU B 417 -38.22 12.37 4.64
CA GLU B 417 -38.80 11.03 4.76
C GLU B 417 -38.00 10.01 3.96
N VAL B 418 -36.67 10.13 3.98
CA VAL B 418 -35.79 9.24 3.25
C VAL B 418 -35.41 8.06 4.13
N THR B 419 -35.35 6.85 3.54
CA THR B 419 -34.97 5.62 4.23
C THR B 419 -33.74 4.97 3.59
N ASP B 420 -33.06 4.07 4.32
CA ASP B 420 -31.81 3.46 3.88
C ASP B 420 -31.88 2.68 2.55
N ASN B 421 -32.91 1.84 2.34
CA ASN B 421 -33.04 1.04 1.12
C ASN B 421 -33.37 1.84 -0.14
N MET B 422 -33.71 3.14 -0.01
CA MET B 422 -34.02 3.99 -1.16
C MET B 422 -32.79 4.35 -1.99
N ARG B 423 -32.99 4.56 -3.30
CA ARG B 423 -31.88 4.87 -4.21
C ARG B 423 -31.19 6.19 -3.87
N ILE B 424 -31.97 7.21 -3.48
CA ILE B 424 -31.36 8.50 -3.13
C ILE B 424 -30.46 8.43 -1.87
N ALA B 425 -30.54 7.32 -1.10
CA ALA B 425 -29.71 7.11 0.08
C ALA B 425 -28.65 6.01 -0.10
N LYS B 426 -28.59 5.37 -1.26
CA LYS B 426 -27.65 4.29 -1.51
C LYS B 426 -26.65 4.66 -2.59
N GLU B 427 -27.06 5.44 -3.60
CA GLU B 427 -26.17 5.80 -4.69
C GLU B 427 -25.47 7.12 -4.46
N GLU B 428 -24.27 7.26 -5.06
CA GLU B 428 -23.47 8.47 -4.98
C GLU B 428 -24.10 9.40 -6.02
N ILE B 429 -24.76 10.45 -5.55
CA ILE B 429 -25.49 11.37 -6.42
C ILE B 429 -24.58 12.23 -7.30
N PHE B 430 -23.58 12.87 -6.72
CA PHE B 430 -22.69 13.77 -7.46
C PHE B 430 -23.44 14.99 -8.06
N GLY B 431 -24.49 15.42 -7.39
CA GLY B 431 -25.34 16.55 -7.77
C GLY B 431 -25.99 17.25 -6.59
N PRO B 432 -26.69 18.38 -6.84
CA PRO B 432 -27.29 19.13 -5.71
C PRO B 432 -28.59 18.56 -5.16
N VAL B 433 -28.52 17.40 -4.52
CA VAL B 433 -29.66 16.70 -3.95
C VAL B 433 -29.35 16.40 -2.47
N GLN B 434 -30.22 16.84 -1.56
CA GLN B 434 -30.02 16.62 -0.14
C GLN B 434 -30.99 15.64 0.43
N PRO B 435 -30.57 14.39 0.66
CA PRO B 435 -31.47 13.40 1.30
C PRO B 435 -31.40 13.47 2.84
N ILE B 436 -32.52 13.79 3.50
CA ILE B 436 -32.57 13.90 4.96
C ILE B 436 -33.24 12.67 5.59
N LEU B 437 -32.46 11.91 6.34
CA LEU B 437 -32.88 10.68 7.00
C LEU B 437 -33.11 10.94 8.48
N LYS B 438 -33.94 10.13 9.12
CA LYS B 438 -34.26 10.31 10.53
C LYS B 438 -33.66 9.20 11.37
N PHE B 439 -33.21 9.53 12.57
CA PHE B 439 -32.68 8.52 13.49
C PHE B 439 -33.13 8.82 14.91
N LYS B 440 -33.10 7.80 15.76
CA LYS B 440 -33.53 7.95 17.14
C LYS B 440 -32.36 7.80 18.08
N SER B 441 -31.53 6.75 17.95
CA SER B 441 -30.40 6.59 18.86
C SER B 441 -29.03 6.67 18.19
N ILE B 442 -28.00 7.00 18.98
CA ILE B 442 -26.61 7.08 18.54
C ILE B 442 -26.10 5.70 18.07
N GLU B 443 -26.43 4.63 18.79
CA GLU B 443 -26.03 3.26 18.44
C GLU B 443 -26.59 2.85 17.07
N GLU B 444 -27.83 3.25 16.80
CA GLU B 444 -28.52 2.97 15.55
C GLU B 444 -27.87 3.75 14.38
N VAL B 445 -27.65 5.08 14.56
CA VAL B 445 -27.05 5.91 13.53
C VAL B 445 -25.59 5.52 13.21
N ILE B 446 -24.84 4.97 14.18
CA ILE B 446 -23.47 4.51 13.96
C ILE B 446 -23.52 3.33 12.97
N LYS B 447 -24.40 2.36 13.22
CA LYS B 447 -24.62 1.17 12.41
C LYS B 447 -25.10 1.54 10.98
N ARG B 448 -26.02 2.48 10.87
CA ARG B 448 -26.54 2.89 9.56
C ARG B 448 -25.51 3.71 8.79
N ALA B 449 -24.72 4.51 9.49
CA ALA B 449 -23.69 5.32 8.85
C ALA B 449 -22.58 4.42 8.27
N ASN B 450 -22.20 3.38 9.00
CA ASN B 450 -21.13 2.45 8.63
C ASN B 450 -21.59 1.25 7.75
N SER B 451 -22.87 1.20 7.33
CA SER B 451 -23.38 0.07 6.54
C SER B 451 -23.12 0.27 5.06
N THR B 452 -21.92 0.71 4.74
CA THR B 452 -21.53 1.05 3.39
C THR B 452 -20.18 0.44 3.09
N ASP B 453 -19.87 0.32 1.80
CA ASP B 453 -18.55 -0.19 1.37
C ASP B 453 -17.49 0.93 1.32
N TYR B 454 -17.91 2.19 1.53
CA TYR B 454 -17.11 3.38 1.41
C TYR B 454 -16.80 3.99 2.79
N GLY B 455 -16.02 5.07 2.83
CA GLY B 455 -15.64 5.68 4.10
C GLY B 455 -14.64 6.80 3.93
N LEU B 456 -15.00 7.83 3.17
CA LEU B 456 -14.08 8.94 2.95
C LEU B 456 -14.12 9.98 4.10
N THR B 457 -15.29 10.65 4.27
CA THR B 457 -15.48 11.64 5.32
C THR B 457 -16.80 11.38 6.06
N ALA B 458 -16.93 12.02 7.22
CA ALA B 458 -18.15 12.04 8.01
C ALA B 458 -18.14 13.39 8.77
N ALA B 459 -19.31 13.91 9.11
CA ALA B 459 -19.41 15.15 9.87
C ALA B 459 -20.42 14.96 11.01
N VAL B 460 -20.07 15.39 12.23
CA VAL B 460 -20.93 15.24 13.41
C VAL B 460 -21.22 16.63 13.97
N PHE B 461 -22.48 16.88 14.35
CA PHE B 461 -22.91 18.16 14.90
C PHE B 461 -23.61 17.88 16.21
N THR B 462 -22.94 18.27 17.31
CA THR B 462 -23.38 18.08 18.68
C THR B 462 -22.56 19.00 19.57
N LYS B 463 -23.18 19.46 20.63
CA LYS B 463 -22.49 20.30 21.62
C LYS B 463 -21.99 19.44 22.81
N ASN B 464 -22.28 18.13 22.80
CA ASN B 464 -21.97 17.18 23.85
C ASN B 464 -20.62 16.50 23.61
N LEU B 465 -19.72 16.64 24.58
CA LEU B 465 -18.39 16.08 24.59
C LEU B 465 -18.37 14.54 24.39
N ASP B 466 -19.15 13.77 25.17
CA ASP B 466 -19.16 12.31 25.04
C ASP B 466 -19.74 11.80 23.74
N LYS B 467 -20.83 12.42 23.24
CA LYS B 467 -21.41 12.00 21.97
C LYS B 467 -20.43 12.26 20.83
N ALA B 468 -19.83 13.47 20.81
CA ALA B 468 -18.87 13.83 19.78
C ALA B 468 -17.70 12.82 19.67
N LEU B 469 -17.13 12.43 20.82
CA LEU B 469 -16.01 11.50 20.88
C LEU B 469 -16.40 10.07 20.66
N LYS B 470 -17.62 9.67 21.08
CA LYS B 470 -18.08 8.30 20.81
C LYS B 470 -18.30 8.15 19.32
N LEU B 471 -18.87 9.15 18.64
CA LEU B 471 -19.11 9.07 17.20
C LEU B 471 -17.76 9.17 16.43
N ALA B 472 -16.85 10.05 16.88
CA ALA B 472 -15.54 10.17 16.20
C ALA B 472 -14.80 8.84 16.17
N SER B 473 -14.80 8.12 17.28
CA SER B 473 -14.13 6.83 17.33
C SER B 473 -14.90 5.70 16.63
N ALA B 474 -16.24 5.74 16.60
CA ALA B 474 -17.02 4.65 15.98
C ALA B 474 -17.25 4.77 14.47
N LEU B 475 -17.16 5.98 13.90
CA LEU B 475 -17.38 6.14 12.45
C LEU B 475 -16.19 5.63 11.66
N GLU B 476 -16.45 4.82 10.63
CA GLU B 476 -15.39 4.26 9.80
C GLU B 476 -15.20 5.16 8.60
N SER B 477 -14.42 6.24 8.80
CA SER B 477 -14.15 7.26 7.79
C SER B 477 -12.75 7.80 7.96
N GLY B 478 -12.09 8.15 6.87
CA GLY B 478 -10.75 8.72 6.92
C GLY B 478 -10.70 10.05 7.66
N THR B 479 -11.80 10.83 7.57
CA THR B 479 -11.85 12.11 8.28
C THR B 479 -13.18 12.26 8.97
N VAL B 480 -13.17 12.62 10.24
CA VAL B 480 -14.40 12.93 10.96
C VAL B 480 -14.37 14.42 11.34
N TRP B 481 -15.25 15.23 10.77
CA TRP B 481 -15.35 16.65 11.11
C TRP B 481 -16.35 16.82 12.21
N ILE B 482 -16.05 17.63 13.21
CA ILE B 482 -16.98 17.90 14.29
C ILE B 482 -17.27 19.37 14.29
N ASN B 483 -18.57 19.74 14.03
CA ASN B 483 -19.05 21.12 14.05
C ASN B 483 -18.44 22.00 12.95
N CYS B 484 -18.15 21.36 11.84
CA CYS B 484 -17.60 21.95 10.64
C CYS B 484 -17.73 20.91 9.54
N TYR B 485 -17.45 21.34 8.32
CA TYR B 485 -17.46 20.54 7.13
C TYR B 485 -16.38 21.12 6.20
N ASN B 486 -15.71 20.28 5.37
CA ASN B 486 -14.67 20.72 4.45
C ASN B 486 -13.51 21.47 5.12
N ALA B 487 -13.23 21.15 6.40
CA ALA B 487 -12.11 21.79 7.08
C ALA B 487 -10.84 20.97 6.74
N LEU B 488 -10.15 21.36 5.64
CA LEU B 488 -8.92 20.68 5.22
C LEU B 488 -7.65 21.51 5.47
N TYR B 489 -6.56 20.81 5.80
CA TYR B 489 -5.28 21.45 6.10
C TYR B 489 -4.17 20.70 5.39
N ALA B 490 -3.18 21.42 4.83
CA ALA B 490 -2.02 20.74 4.23
C ALA B 490 -1.32 19.80 5.26
N GLN B 491 -1.46 20.10 6.58
CA GLN B 491 -0.84 19.33 7.66
C GLN B 491 -1.68 18.14 8.21
N ALA B 492 -2.97 18.03 7.85
CA ALA B 492 -3.77 16.88 8.30
C ALA B 492 -3.98 15.91 7.14
N PRO B 493 -3.69 14.60 7.36
CA PRO B 493 -3.87 13.62 6.27
C PRO B 493 -5.31 13.44 5.85
N PHE B 494 -5.51 13.10 4.60
CA PHE B 494 -6.80 12.95 4.00
C PHE B 494 -6.80 11.70 3.13
N GLY B 495 -7.83 10.89 3.27
CA GLY B 495 -7.96 9.69 2.46
C GLY B 495 -9.10 8.83 2.92
N GLY B 496 -9.39 7.76 2.18
CA GLY B 496 -10.52 6.92 2.54
C GLY B 496 -10.23 5.60 3.21
N PHE B 497 -11.20 5.15 4.03
CA PHE B 497 -11.29 3.79 4.58
C PHE B 497 -12.03 2.96 3.50
N LYS B 498 -11.97 1.61 3.60
CA LYS B 498 -12.67 0.66 2.75
C LYS B 498 -12.47 0.95 1.24
N MET B 499 -13.56 1.07 0.42
CA MET B 499 -13.42 1.32 -1.01
C MET B 499 -13.32 2.80 -1.40
N SER B 500 -13.09 3.68 -0.42
CA SER B 500 -12.89 5.10 -0.70
C SER B 500 -11.44 5.46 -1.03
N GLY B 501 -10.52 4.51 -0.95
CA GLY B 501 -9.14 4.75 -1.34
C GLY B 501 -8.13 3.93 -0.60
N ASN B 502 -6.85 4.10 -0.95
CA ASN B 502 -5.71 3.41 -0.38
C ASN B 502 -4.67 4.51 -0.16
N GLY B 503 -4.07 4.55 1.01
CA GLY B 503 -3.05 5.56 1.31
C GLY B 503 -3.65 6.90 1.71
N ARG B 504 -2.80 7.88 1.96
CA ARG B 504 -3.25 9.20 2.41
C ARG B 504 -2.51 10.29 1.62
N GLU B 505 -3.18 11.42 1.47
CA GLU B 505 -2.60 12.63 0.91
C GLU B 505 -2.54 13.67 2.06
N LEU B 506 -1.62 14.64 1.98
CA LEU B 506 -1.45 15.67 2.98
C LEU B 506 -0.85 15.12 4.29
N GLY B 507 -0.28 16.03 5.10
CA GLY B 507 0.34 15.68 6.36
C GLY B 507 1.65 14.94 6.20
N GLU B 508 2.25 14.56 7.33
CA GLU B 508 3.48 13.77 7.33
C GLU B 508 3.21 12.36 6.71
N TYR B 509 1.95 11.89 6.72
CA TYR B 509 1.56 10.59 6.16
C TYR B 509 1.73 10.49 4.65
N ALA B 510 1.64 11.62 3.95
CA ALA B 510 1.84 11.67 2.50
C ALA B 510 3.25 11.21 2.12
N LEU B 511 4.24 11.54 2.96
CA LEU B 511 5.64 11.16 2.73
C LEU B 511 5.85 9.64 2.68
N ALA B 512 5.06 8.84 3.43
CA ALA B 512 5.23 7.38 3.37
C ALA B 512 4.84 6.86 1.96
N GLU B 513 3.94 7.56 1.24
CA GLU B 513 3.56 7.11 -0.10
C GLU B 513 4.64 7.37 -1.14
N TYR B 514 5.61 8.27 -0.85
CA TYR B 514 6.62 8.68 -1.79
C TYR B 514 8.05 8.30 -1.47
N THR B 515 8.21 7.42 -0.50
CA THR B 515 9.49 6.91 -0.07
C THR B 515 9.39 5.38 0.04
N GLU B 516 10.56 4.72 -0.06
CA GLU B 516 10.83 3.29 0.06
C GLU B 516 11.77 3.15 1.26
N VAL B 517 11.52 2.20 2.15
CA VAL B 517 12.34 1.98 3.32
C VAL B 517 13.50 1.01 3.04
N LYS B 518 14.73 1.41 3.33
CA LYS B 518 15.89 0.52 3.19
C LYS B 518 16.54 0.26 4.57
N THR B 519 16.72 -1.00 4.97
CA THR B 519 17.39 -1.33 6.21
C THR B 519 18.87 -1.63 5.89
N VAL B 520 19.80 -1.02 6.61
CA VAL B 520 21.22 -1.28 6.46
C VAL B 520 21.68 -1.89 7.78
N THR B 521 22.18 -3.13 7.75
CA THR B 521 22.66 -3.82 8.94
C THR B 521 24.17 -4.10 8.78
N ILE B 522 25.00 -3.61 9.71
CA ILE B 522 26.45 -3.74 9.64
C ILE B 522 26.94 -4.52 10.85
N LYS B 523 27.51 -5.71 10.64
CA LYS B 523 28.06 -6.47 11.77
C LYS B 523 29.55 -6.16 11.91
N LEU B 524 29.97 -5.67 13.09
CA LEU B 524 31.38 -5.34 13.38
C LEU B 524 32.16 -6.61 13.79
N GLY B 525 33.40 -6.69 13.35
CA GLY B 525 34.26 -7.83 13.62
C GLY B 525 34.47 -8.18 15.08
#